data_4W5C
#
_entry.id   4W5C
#
_cell.length_a   137.790
_cell.length_b   137.790
_cell.length_c   166.480
_cell.angle_alpha   90.00
_cell.angle_beta   90.00
_cell.angle_gamma   90.00
#
_symmetry.space_group_name_H-M   'P 43 21 2'
#
loop_
_entity.id
_entity.type
_entity.pdbx_description
1 polymer Cruzipain
2 non-polymer N-(1H-benzimidazol-2-yl)-1,3-dimethyl-1H-pyrazole-4-carboxamide
3 non-polymer N-(1H-benzimidazol-2-yl)-3-(4-fluorophenyl)-1H-pyrazole-4-carboxamide
4 non-polymer 4,6-difluoro-1,3-benzothiazol-2-amine
5 water water
#
_entity_poly.entity_id   1
_entity_poly.type   'polypeptide(L)'
_entity_poly.pdbx_seq_one_letter_code
;GAPAAVDWRARGAVTAVKDQGQCGSSWAFSAIGNVECQWFLAGHPLTNLSEQMLVSCDKTDSGCSGGLMNNAFEWIVQEN
NGAVYTEDSYPYASGEGISPPCTTSGHTVGATITGHVELPQDEAQIAAWLAVNGPVAVAVDASSWMTYTGGVMTSCVSEQ
LDHGVLLVGYNDSAAVPYWIIKNSWTTQWGEEGYIRIAKGSNQCLVKEEASSAVVG
;
_entity_poly.pdbx_strand_id   A,B,C,D,E
#
# COMPACT_ATOMS: atom_id res chain seq x y z
N ALA A 2 -13.82 16.00 5.31
CA ALA A 2 -13.96 15.55 6.69
C ALA A 2 -15.37 15.79 7.24
N PRO A 3 -15.82 14.86 8.10
CA PRO A 3 -17.10 14.93 8.84
C PRO A 3 -17.15 16.06 9.88
N ALA A 4 -18.36 16.28 10.39
CA ALA A 4 -18.60 17.28 11.42
C ALA A 4 -17.95 16.86 12.73
N ALA A 5 -17.95 15.56 13.03
CA ALA A 5 -17.30 15.15 14.26
C ALA A 5 -16.60 13.81 14.15
N VAL A 6 -15.56 13.66 14.98
CA VAL A 6 -14.80 12.43 15.07
C VAL A 6 -14.46 12.15 16.53
N ASP A 7 -14.55 10.89 16.94
CA ASP A 7 -14.09 10.49 18.27
C ASP A 7 -13.67 9.05 18.25
N TRP A 8 -12.36 8.82 18.25
CA TRP A 8 -11.81 7.47 18.08
C TRP A 8 -12.00 6.58 19.31
N ARG A 9 -12.40 7.16 20.43
CA ARG A 9 -12.68 6.36 21.61
C ARG A 9 -13.93 5.53 21.41
N ALA A 10 -14.91 6.16 20.76
CA ALA A 10 -16.19 5.54 20.44
C ALA A 10 -16.03 4.44 19.39
N ARG A 11 -14.96 4.53 18.61
CA ARG A 11 -14.63 3.44 17.69
C ARG A 11 -13.70 2.42 18.37
N GLY A 12 -13.57 2.55 19.70
CA GLY A 12 -12.86 1.56 20.50
C GLY A 12 -11.41 1.41 20.10
N ALA A 13 -10.76 2.52 19.78
CA ALA A 13 -9.43 2.47 19.20
C ALA A 13 -8.42 3.10 20.13
N VAL A 14 -8.88 3.49 21.31
CA VAL A 14 -8.05 4.22 22.24
C VAL A 14 -7.96 3.49 23.55
N THR A 15 -6.74 3.35 24.06
CA THR A 15 -6.51 2.72 25.35
C THR A 15 -6.97 3.60 26.50
N ALA A 16 -6.93 3.04 27.70
CA ALA A 16 -7.28 3.80 28.89
C ALA A 16 -6.26 4.88 29.18
N VAL A 17 -6.74 5.97 29.79
CA VAL A 17 -5.90 7.06 30.28
C VAL A 17 -4.83 6.55 31.27
N LYS A 18 -3.61 7.04 31.11
CA LYS A 18 -2.53 6.55 31.95
C LYS A 18 -2.04 7.61 32.93
N ASP A 19 -1.06 7.25 33.76
CA ASP A 19 -0.54 8.20 34.72
C ASP A 19 0.98 8.26 34.61
N GLN A 20 1.48 9.43 34.18
CA GLN A 20 2.90 9.57 33.96
C GLN A 20 3.65 9.78 35.28
N GLY A 21 2.91 10.11 36.34
CA GLY A 21 3.50 10.41 37.63
C GLY A 21 4.34 11.67 37.57
N GLN A 22 5.45 11.70 38.30
CA GLN A 22 6.35 12.84 38.21
C GLN A 22 7.56 12.56 37.32
N CYS A 23 7.39 12.76 36.02
CA CYS A 23 8.43 12.50 35.02
C CYS A 23 8.04 13.28 33.78
N GLY A 24 9.03 13.93 33.16
CA GLY A 24 8.79 14.78 32.01
C GLY A 24 8.62 14.01 30.73
N SER A 25 8.09 12.82 30.88
CA SER A 25 7.94 11.87 29.79
C SER A 25 6.60 12.02 29.09
N SER A 26 6.09 13.25 29.06
CA SER A 26 4.85 13.55 28.36
C SER A 26 4.94 13.16 26.91
N TRP A 27 6.17 12.92 26.45
CA TRP A 27 6.40 12.60 25.06
C TRP A 27 6.15 11.11 24.92
N ALA A 28 6.98 10.29 25.55
CA ALA A 28 6.79 8.86 25.54
C ALA A 28 5.32 8.48 25.58
N PHE A 29 4.56 9.10 26.47
CA PHE A 29 3.13 8.84 26.55
C PHE A 29 2.32 9.22 25.31
N SER A 30 2.70 10.34 24.72
CA SER A 30 2.10 10.83 23.47
C SER A 30 2.47 9.94 22.30
N ALA A 31 3.76 9.70 22.16
CA ALA A 31 4.25 8.89 21.07
C ALA A 31 3.66 7.49 21.16
N ILE A 32 3.75 6.88 22.33
CA ILE A 32 3.23 5.53 22.50
C ILE A 32 1.72 5.47 22.30
N GLY A 33 1.01 6.35 22.99
CA GLY A 33 -0.43 6.46 22.85
C GLY A 33 -0.88 6.49 21.41
N ASN A 34 -0.21 7.29 20.60
CA ASN A 34 -0.41 7.31 19.16
C ASN A 34 -0.20 5.95 18.49
N VAL A 35 0.87 5.25 18.86
CA VAL A 35 1.14 3.91 18.30
C VAL A 35 0.11 2.85 18.69
N GLU A 36 -0.29 2.82 19.95
CA GLU A 36 -1.37 1.94 20.38
C GLU A 36 -2.56 1.96 19.43
N CYS A 37 -2.98 3.17 19.05
CA CYS A 37 -4.11 3.38 18.14
C CYS A 37 -3.82 2.93 16.72
N GLN A 38 -2.66 3.32 16.20
CA GLN A 38 -2.30 2.96 14.84
C GLN A 38 -2.26 1.46 14.65
N TRP A 39 -1.80 0.75 15.66
CA TRP A 39 -1.69 -0.70 15.61
C TRP A 39 -3.05 -1.30 15.53
N PHE A 40 -3.96 -0.76 16.30
CA PHE A 40 -5.33 -1.23 16.28
C PHE A 40 -5.99 -0.96 14.92
N LEU A 41 -5.85 0.27 14.46
CA LEU A 41 -6.45 0.64 13.20
C LEU A 41 -5.80 -0.10 12.03
N ALA A 42 -4.69 -0.78 12.30
CA ALA A 42 -4.02 -1.57 11.27
C ALA A 42 -4.75 -2.90 11.08
N GLY A 43 -5.38 -3.37 12.15
CA GLY A 43 -6.19 -4.57 12.10
C GLY A 43 -5.96 -5.47 13.29
N HIS A 44 -5.11 -4.99 14.19
CA HIS A 44 -4.66 -5.79 15.31
C HIS A 44 -5.37 -5.40 16.58
N PRO A 45 -5.32 -6.29 17.59
CA PRO A 45 -5.93 -6.03 18.89
C PRO A 45 -5.29 -4.83 19.55
N LEU A 46 -6.11 -4.01 20.19
CA LEU A 46 -5.63 -2.83 20.90
C LEU A 46 -4.79 -3.29 22.07
N THR A 47 -3.48 -3.07 21.98
CA THR A 47 -2.54 -3.50 22.99
C THR A 47 -2.04 -2.29 23.74
N ASN A 48 -2.01 -2.37 25.06
CA ASN A 48 -1.40 -1.33 25.88
C ASN A 48 0.12 -1.48 25.74
N LEU A 49 0.76 -0.45 25.17
CA LEU A 49 2.18 -0.49 24.90
C LEU A 49 3.06 0.17 25.98
N SER A 50 4.37 0.10 25.79
CA SER A 50 5.33 0.47 26.83
C SER A 50 5.94 1.85 26.70
N GLU A 51 5.60 2.76 27.60
CA GLU A 51 6.27 4.04 27.66
C GLU A 51 7.64 3.90 28.29
N GLN A 52 7.77 2.95 29.22
CA GLN A 52 9.03 2.82 29.93
C GLN A 52 10.17 2.52 28.96
N MET A 53 9.86 1.77 27.92
CA MET A 53 10.84 1.45 26.90
C MET A 53 11.54 2.69 26.34
N LEU A 54 10.79 3.77 26.18
CA LEU A 54 11.34 4.95 25.56
C LEU A 54 12.16 5.76 26.55
N VAL A 55 11.65 5.90 27.77
CA VAL A 55 12.30 6.66 28.82
C VAL A 55 13.67 6.13 29.12
N SER A 56 13.76 4.80 29.18
CA SER A 56 14.99 4.11 29.50
C SER A 56 15.93 4.01 28.30
N CYS A 57 15.38 3.66 27.15
CA CYS A 57 16.20 3.25 26.02
C CYS A 57 16.42 4.31 24.95
N ASP A 58 15.49 5.22 24.79
CA ASP A 58 15.68 6.24 23.76
C ASP A 58 16.72 7.25 24.22
N LYS A 59 17.92 7.12 23.68
CA LYS A 59 19.05 7.93 24.12
C LYS A 59 19.06 9.27 23.42
N THR A 60 18.47 9.30 22.24
CA THR A 60 18.29 10.56 21.53
C THR A 60 17.49 11.51 22.38
N ASP A 61 16.50 10.96 23.06
CA ASP A 61 15.69 11.74 23.96
C ASP A 61 16.33 11.65 25.33
N SER A 62 16.09 12.64 26.18
CA SER A 62 16.72 12.61 27.47
C SER A 62 15.69 12.15 28.47
N GLY A 63 15.41 10.85 28.38
CA GLY A 63 14.74 10.09 29.42
C GLY A 63 13.62 10.78 30.17
N CYS A 64 13.99 11.35 31.32
CA CYS A 64 13.00 11.82 32.27
C CYS A 64 12.92 13.35 32.25
N SER A 65 14.07 14.00 32.05
CA SER A 65 14.11 15.46 31.95
C SER A 65 13.49 16.05 30.65
N GLY A 66 12.84 15.22 29.85
CA GLY A 66 12.18 15.71 28.66
C GLY A 66 12.51 14.91 27.42
N GLY A 67 11.70 15.10 26.38
CA GLY A 67 11.90 14.39 25.13
C GLY A 67 11.01 14.98 24.05
N LEU A 68 11.02 14.35 22.88
CA LEU A 68 10.27 14.82 21.73
C LEU A 68 9.67 13.65 20.98
N MET A 69 8.38 13.72 20.65
CA MET A 69 7.71 12.57 20.04
C MET A 69 8.39 12.07 18.77
N ASN A 70 8.77 12.98 17.88
CA ASN A 70 9.37 12.61 16.60
C ASN A 70 10.69 11.86 16.76
N ASN A 71 11.42 12.17 17.81
CA ASN A 71 12.65 11.46 18.12
C ASN A 71 12.36 10.04 18.53
N ALA A 72 11.25 9.84 19.25
CA ALA A 72 10.81 8.51 19.63
C ALA A 72 10.52 7.64 18.42
N PHE A 73 9.67 8.15 17.53
CA PHE A 73 9.33 7.45 16.32
C PHE A 73 10.58 7.17 15.49
N GLU A 74 11.50 8.12 15.50
CA GLU A 74 12.69 7.99 14.69
C GLU A 74 13.58 6.98 15.34
N TRP A 75 13.68 7.05 16.66
CA TRP A 75 14.47 6.11 17.42
C TRP A 75 13.92 4.69 17.30
N ILE A 76 12.61 4.52 17.52
CA ILE A 76 12.00 3.19 17.47
C ILE A 76 12.31 2.48 16.14
N VAL A 77 12.14 3.22 15.06
CA VAL A 77 12.31 2.68 13.73
C VAL A 77 13.78 2.40 13.43
N GLN A 78 14.64 3.36 13.76
CA GLN A 78 16.02 3.32 13.29
C GLN A 78 16.99 2.71 14.27
N GLU A 79 16.75 2.88 15.56
CA GLU A 79 17.58 2.22 16.56
C GLU A 79 17.00 0.91 17.09
N ASN A 80 15.69 0.80 17.22
CA ASN A 80 15.10 -0.42 17.78
C ASN A 80 14.47 -1.41 16.75
N ASN A 81 14.83 -1.29 15.48
CA ASN A 81 14.27 -2.14 14.45
C ASN A 81 12.74 -2.12 14.34
N GLY A 82 12.13 -1.03 14.81
CA GLY A 82 10.71 -0.85 14.65
C GLY A 82 9.87 -1.36 15.79
N ALA A 83 10.51 -2.03 16.75
CA ALA A 83 9.76 -2.72 17.80
C ALA A 83 9.21 -1.80 18.89
N VAL A 84 7.92 -1.97 19.23
CA VAL A 84 7.37 -1.38 20.45
C VAL A 84 6.86 -2.45 21.39
N TYR A 85 7.37 -2.45 22.62
CA TYR A 85 7.06 -3.48 23.63
C TYR A 85 5.67 -3.30 24.25
N THR A 86 5.09 -4.38 24.74
CA THR A 86 3.81 -4.32 25.43
C THR A 86 4.06 -3.75 26.80
N GLU A 87 3.03 -3.29 27.50
CA GLU A 87 3.28 -2.77 28.84
C GLU A 87 3.50 -3.89 29.86
N ASP A 88 2.84 -5.02 29.66
CA ASP A 88 2.98 -6.13 30.59
C ASP A 88 4.40 -6.65 30.65
N SER A 89 5.13 -6.50 29.57
CA SER A 89 6.49 -7.02 29.49
C SER A 89 7.56 -5.98 29.82
N TYR A 90 7.18 -4.71 29.76
CA TYR A 90 8.06 -3.58 30.13
C TYR A 90 7.22 -2.45 30.73
N PRO A 91 6.81 -2.59 32.01
CA PRO A 91 5.87 -1.72 32.71
C PRO A 91 6.52 -0.41 33.11
N TYR A 92 5.68 0.59 33.37
CA TYR A 92 6.13 1.91 33.78
C TYR A 92 6.68 1.85 35.18
N ALA A 93 7.86 2.44 35.39
CA ALA A 93 8.47 2.44 36.70
C ALA A 93 8.77 3.86 37.11
N SER A 94 9.03 4.70 36.12
CA SER A 94 9.48 6.06 36.38
C SER A 94 8.38 6.94 36.96
N GLY A 95 7.35 6.34 37.54
CA GLY A 95 6.27 7.13 38.12
C GLY A 95 6.75 8.11 39.19
N GLU A 96 7.78 7.72 39.91
CA GLU A 96 8.28 8.50 41.03
C GLU A 96 9.51 9.32 40.69
N GLY A 97 10.02 9.12 39.48
CA GLY A 97 11.15 9.89 38.99
C GLY A 97 12.36 9.06 38.66
N ILE A 98 12.41 7.84 39.16
CA ILE A 98 13.53 6.94 38.92
C ILE A 98 13.37 6.14 37.63
N SER A 99 14.25 6.38 36.66
CA SER A 99 14.19 5.65 35.39
C SER A 99 15.27 4.59 35.31
N PRO A 100 14.88 3.32 35.47
CA PRO A 100 15.72 2.12 35.38
C PRO A 100 16.59 2.12 34.11
N PRO A 101 17.50 1.15 34.00
CA PRO A 101 18.31 1.05 32.77
C PRO A 101 17.58 0.29 31.65
N CYS A 102 18.19 0.26 30.47
CA CYS A 102 17.65 -0.47 29.33
C CYS A 102 17.73 -1.99 29.54
N THR A 103 16.83 -2.75 28.92
CA THR A 103 16.91 -4.20 29.01
C THR A 103 16.57 -4.88 27.69
N THR A 104 16.96 -6.15 27.54
CA THR A 104 16.49 -6.95 26.42
C THR A 104 16.25 -8.44 26.75
N SER A 105 15.94 -8.77 28.00
CA SER A 105 15.75 -10.18 28.37
C SER A 105 14.42 -10.65 27.85
N GLY A 106 14.25 -10.51 26.54
CA GLY A 106 13.05 -10.98 25.90
C GLY A 106 11.77 -10.29 26.29
N HIS A 107 11.67 -9.02 25.96
CA HIS A 107 10.42 -8.33 26.19
C HIS A 107 9.46 -8.74 25.07
N THR A 108 8.18 -8.48 25.20
CA THR A 108 7.25 -8.85 24.14
C THR A 108 6.92 -7.65 23.25
N VAL A 109 6.97 -7.84 21.93
CA VAL A 109 6.69 -6.77 20.96
C VAL A 109 5.21 -6.54 20.71
N GLY A 110 4.66 -5.44 21.19
CA GLY A 110 3.24 -5.19 21.02
C GLY A 110 2.87 -4.71 19.64
N ALA A 111 3.81 -4.04 19.00
CA ALA A 111 3.58 -3.49 17.68
C ALA A 111 4.90 -3.26 16.94
N THR A 112 4.82 -3.27 15.62
CA THR A 112 5.99 -3.09 14.78
C THR A 112 5.68 -1.96 13.84
N ILE A 113 6.29 -0.82 14.06
CA ILE A 113 6.11 0.27 13.13
C ILE A 113 7.29 0.43 12.15
N THR A 114 7.07 1.15 11.05
CA THR A 114 8.08 1.28 9.99
C THR A 114 8.44 2.72 9.65
N GLY A 115 7.75 3.67 10.26
CA GLY A 115 8.07 5.07 10.08
C GLY A 115 7.12 6.00 10.79
N HIS A 116 7.14 7.25 10.37
CA HIS A 116 6.25 8.26 10.92
C HIS A 116 6.11 9.42 9.94
N VAL A 117 5.04 10.19 10.11
CA VAL A 117 4.84 11.36 9.28
C VAL A 117 4.50 12.59 10.12
N GLU A 118 4.98 13.75 9.66
CA GLU A 118 4.63 15.02 10.24
C GLU A 118 3.46 15.62 9.45
N LEU A 119 2.57 16.32 10.14
CA LEU A 119 1.45 17.01 9.50
C LEU A 119 1.71 18.52 9.48
N PRO A 120 1.13 19.22 8.50
CA PRO A 120 1.22 20.68 8.39
C PRO A 120 0.77 21.40 9.63
N GLN A 121 1.09 22.69 9.72
CA GLN A 121 0.68 23.50 10.83
C GLN A 121 -0.71 24.08 10.56
N ASP A 122 -1.66 23.21 10.25
CA ASP A 122 -3.01 23.60 9.90
C ASP A 122 -3.98 22.77 10.72
N GLU A 123 -4.76 23.43 11.56
CA GLU A 123 -5.71 22.74 12.39
C GLU A 123 -6.69 21.95 11.51
N ALA A 124 -7.09 22.57 10.41
CA ALA A 124 -8.07 21.96 9.53
C ALA A 124 -7.50 20.72 8.82
N GLN A 125 -6.24 20.84 8.37
CA GLN A 125 -5.60 19.73 7.67
C GLN A 125 -5.34 18.54 8.57
N ILE A 126 -4.96 18.83 9.81
CA ILE A 126 -4.79 17.80 10.82
C ILE A 126 -6.11 17.06 11.00
N ALA A 127 -7.17 17.81 11.22
CA ALA A 127 -8.49 17.23 11.36
C ALA A 127 -8.79 16.33 10.16
N ALA A 128 -8.46 16.80 8.96
CA ALA A 128 -8.60 15.97 7.75
C ALA A 128 -7.90 14.63 7.81
N TRP A 129 -6.65 14.62 8.27
CA TRP A 129 -5.90 13.37 8.46
C TRP A 129 -6.50 12.55 9.60
N LEU A 130 -6.74 13.19 10.74
CA LEU A 130 -7.21 12.50 11.93
C LEU A 130 -8.52 11.77 11.68
N ALA A 131 -9.42 12.40 10.90
CA ALA A 131 -10.75 11.83 10.65
C ALA A 131 -10.64 10.51 9.89
N VAL A 132 -9.62 10.42 9.05
CA VAL A 132 -9.38 9.22 8.27
C VAL A 132 -8.53 8.18 8.99
N ASN A 133 -7.42 8.64 9.58
CA ASN A 133 -6.37 7.72 9.99
C ASN A 133 -6.10 7.53 11.48
N GLY A 134 -6.78 8.29 12.34
CA GLY A 134 -6.73 8.03 13.77
C GLY A 134 -5.97 9.04 14.59
N PRO A 135 -5.97 8.85 15.92
CA PRO A 135 -5.36 9.76 16.87
C PRO A 135 -3.98 10.25 16.46
N VAL A 136 -3.75 11.54 16.66
CA VAL A 136 -2.52 12.20 16.23
C VAL A 136 -1.76 12.67 17.46
N ALA A 137 -0.45 12.48 17.46
CA ALA A 137 0.41 12.96 18.52
C ALA A 137 0.72 14.42 18.28
N VAL A 138 0.49 15.25 19.29
CA VAL A 138 0.72 16.68 19.21
C VAL A 138 1.37 17.23 20.46
N ALA A 139 2.09 18.34 20.31
CA ALA A 139 2.68 19.03 21.45
C ALA A 139 1.89 20.31 21.74
N VAL A 140 1.79 20.70 23.02
CA VAL A 140 0.99 21.85 23.43
C VAL A 140 1.67 22.70 24.51
N ASP A 141 1.05 23.83 24.85
CA ASP A 141 1.48 24.68 25.97
C ASP A 141 0.55 24.46 27.12
N ALA A 142 0.86 23.50 27.98
CA ALA A 142 0.01 23.19 29.14
C ALA A 142 0.36 23.99 30.39
N SER A 143 0.62 25.28 30.21
CA SER A 143 0.85 26.19 31.32
C SER A 143 -0.46 26.38 32.07
N SER A 144 -1.53 26.53 31.29
CA SER A 144 -2.85 26.84 31.83
C SER A 144 -3.67 25.60 32.15
N TRP A 145 -3.01 24.46 32.22
CA TRP A 145 -3.73 23.19 32.38
C TRP A 145 -3.90 22.70 33.81
N MET A 146 -3.10 23.20 34.74
CA MET A 146 -3.19 22.75 36.12
C MET A 146 -4.55 23.12 36.70
N THR A 147 -5.01 24.31 36.36
CA THR A 147 -6.26 24.84 36.88
C THR A 147 -7.48 24.18 36.25
N TYR A 148 -7.26 23.25 35.33
CA TYR A 148 -8.35 22.74 34.49
C TYR A 148 -9.26 21.73 35.20
N THR A 149 -10.55 22.03 35.17
CA THR A 149 -11.59 21.20 35.81
C THR A 149 -12.43 20.51 34.74
N GLY A 150 -12.64 21.19 33.62
CA GLY A 150 -13.44 20.67 32.53
C GLY A 150 -14.04 21.78 31.68
N GLY A 151 -14.67 21.41 30.57
CA GLY A 151 -15.28 22.35 29.64
C GLY A 151 -14.45 22.66 28.41
N VAL A 152 -14.99 23.46 27.49
CA VAL A 152 -14.18 23.87 26.33
C VAL A 152 -13.30 25.05 26.68
N MET A 153 -12.00 24.78 26.76
CA MET A 153 -11.00 25.78 27.09
C MET A 153 -10.76 26.72 25.92
N THR A 154 -10.78 28.02 26.19
CA THR A 154 -10.72 29.01 25.13
C THR A 154 -9.67 30.09 25.34
N SER A 155 -9.18 30.22 26.56
CA SER A 155 -8.20 31.26 26.86
C SER A 155 -6.95 30.57 27.35
N CYS A 156 -6.41 29.73 26.49
CA CYS A 156 -5.26 28.93 26.83
C CYS A 156 -3.98 29.67 26.50
N VAL A 157 -3.06 29.70 27.46
CA VAL A 157 -1.75 30.28 27.23
C VAL A 157 -1.05 29.53 26.12
N SER A 158 -0.72 30.23 25.04
CA SER A 158 -0.13 29.59 23.85
C SER A 158 1.24 30.20 23.45
N GLU A 159 2.27 29.92 24.24
CA GLU A 159 3.58 30.54 24.05
C GLU A 159 4.75 29.56 24.01
N GLN A 160 4.61 28.47 24.74
CA GLN A 160 5.72 27.57 24.98
C GLN A 160 5.27 26.15 24.81
N LEU A 161 5.85 25.40 23.90
CA LEU A 161 5.49 24.00 23.87
C LEU A 161 6.20 23.31 25.04
N ASP A 162 5.44 22.83 26.02
CA ASP A 162 6.07 22.08 27.10
C ASP A 162 5.53 20.67 27.32
N HIS A 163 4.39 20.34 26.71
CA HIS A 163 3.68 19.10 27.00
C HIS A 163 3.29 18.29 25.75
N GLY A 164 3.39 16.97 25.85
CA GLY A 164 3.01 16.05 24.78
C GLY A 164 1.74 15.25 25.06
N VAL A 165 0.79 15.28 24.14
CA VAL A 165 -0.51 14.63 24.34
C VAL A 165 -1.01 13.91 23.09
N LEU A 166 -2.27 13.48 23.10
CA LEU A 166 -2.83 12.73 21.97
C LEU A 166 -4.22 13.21 21.54
N LEU A 167 -4.33 13.70 20.30
CA LEU A 167 -5.63 14.09 19.75
C LEU A 167 -6.43 12.86 19.42
N VAL A 168 -7.65 12.73 19.96
CA VAL A 168 -8.48 11.58 19.59
C VAL A 168 -9.74 11.94 18.79
N GLY A 169 -10.00 13.23 18.65
CA GLY A 169 -11.08 13.61 17.77
C GLY A 169 -11.53 15.04 17.95
N TYR A 170 -12.38 15.47 17.05
CA TYR A 170 -12.85 16.83 17.07
C TYR A 170 -14.36 16.89 16.92
N ASN A 171 -14.88 18.10 16.99
CA ASN A 171 -16.30 18.35 16.91
C ASN A 171 -16.51 19.75 16.34
N ASP A 172 -16.77 19.84 15.05
CA ASP A 172 -16.95 21.12 14.38
C ASP A 172 -18.40 21.60 14.46
N SER A 173 -19.28 20.72 14.93
CA SER A 173 -20.72 20.99 14.99
C SER A 173 -21.17 21.79 16.21
N ALA A 174 -20.50 21.57 17.33
CA ALA A 174 -20.87 22.22 18.59
C ALA A 174 -20.84 23.75 18.52
N ALA A 175 -21.46 24.37 19.52
CA ALA A 175 -21.50 25.82 19.64
C ALA A 175 -20.09 26.38 19.55
N VAL A 176 -19.21 25.79 20.34
CA VAL A 176 -17.79 26.06 20.28
C VAL A 176 -17.04 24.80 19.79
N PRO A 177 -16.59 24.81 18.53
CA PRO A 177 -15.83 23.66 18.00
C PRO A 177 -14.60 23.40 18.84
N TYR A 178 -14.27 22.12 19.03
CA TYR A 178 -13.17 21.75 19.92
C TYR A 178 -12.43 20.49 19.50
N TRP A 179 -11.19 20.41 19.96
CA TRP A 179 -10.43 19.18 19.87
C TRP A 179 -10.64 18.38 21.16
N ILE A 180 -10.62 17.06 21.04
CA ILE A 180 -10.64 16.17 22.19
C ILE A 180 -9.23 15.61 22.34
N ILE A 181 -8.66 15.82 23.51
CA ILE A 181 -7.26 15.48 23.75
C ILE A 181 -7.10 14.49 24.91
N LYS A 182 -6.40 13.39 24.65
CA LYS A 182 -6.11 12.43 25.71
C LYS A 182 -4.85 12.89 26.45
N ASN A 183 -4.94 13.00 27.77
CA ASN A 183 -3.82 13.46 28.59
C ASN A 183 -3.31 12.42 29.57
N SER A 184 -2.03 12.48 29.89
CA SER A 184 -1.42 11.47 30.73
C SER A 184 -1.29 11.88 32.20
N TRP A 185 -2.35 12.50 32.75
CA TRP A 185 -2.41 12.90 34.16
C TRP A 185 -3.56 12.26 34.95
N THR A 186 -3.73 10.95 34.81
CA THR A 186 -4.86 10.20 35.38
C THR A 186 -6.23 10.73 34.94
N THR A 187 -7.28 10.16 35.55
CA THR A 187 -8.66 10.48 35.20
C THR A 187 -9.32 11.46 36.18
N GLN A 188 -8.63 11.80 37.28
CA GLN A 188 -9.20 12.80 38.20
C GLN A 188 -9.08 14.15 37.51
N TRP A 189 -7.98 14.30 36.77
CA TRP A 189 -7.70 15.53 36.08
C TRP A 189 -8.66 15.72 34.93
N GLY A 190 -9.22 16.92 34.83
CA GLY A 190 -10.08 17.26 33.71
C GLY A 190 -11.34 16.43 33.56
N GLU A 191 -11.71 16.15 32.31
CA GLU A 191 -12.92 15.40 32.02
C GLU A 191 -12.64 13.90 31.89
N GLU A 192 -12.50 13.23 33.02
CA GLU A 192 -12.21 11.79 33.06
C GLU A 192 -10.89 11.48 32.34
N GLY A 193 -9.93 12.38 32.51
CA GLY A 193 -8.59 12.25 31.95
C GLY A 193 -8.34 13.10 30.73
N TYR A 194 -9.42 13.49 30.06
CA TYR A 194 -9.36 14.22 28.78
C TYR A 194 -9.54 15.71 28.97
N ILE A 195 -9.47 16.44 27.86
CA ILE A 195 -9.56 17.87 27.90
C ILE A 195 -9.99 18.38 26.53
N ARG A 196 -10.87 19.37 26.53
CA ARG A 196 -11.32 19.93 25.27
C ARG A 196 -10.89 21.38 25.11
N ILE A 197 -10.17 21.65 24.03
CA ILE A 197 -9.69 22.99 23.73
C ILE A 197 -10.30 23.45 22.41
N ALA A 198 -10.50 24.76 22.28
CA ALA A 198 -11.21 25.29 21.12
C ALA A 198 -10.47 24.99 19.81
N LYS A 199 -11.19 24.48 18.84
CA LYS A 199 -10.60 24.14 17.56
C LYS A 199 -10.70 25.35 16.65
N GLY A 200 -9.61 25.70 15.97
CA GLY A 200 -9.66 26.75 14.96
C GLY A 200 -8.81 27.98 15.21
N SER A 201 -8.50 28.23 16.49
CA SER A 201 -7.77 29.44 16.85
C SER A 201 -6.42 29.04 17.45
N ASN A 202 -6.02 27.81 17.14
CA ASN A 202 -4.72 27.28 17.57
C ASN A 202 -4.57 27.31 19.07
N GLN A 203 -5.58 26.86 19.81
CA GLN A 203 -5.46 26.88 21.26
C GLN A 203 -4.23 26.08 21.67
N CYS A 204 -3.55 26.57 22.70
CA CYS A 204 -2.39 25.88 23.28
C CYS A 204 -1.25 25.52 22.33
N LEU A 205 -1.20 26.19 21.18
CA LEU A 205 -0.26 25.90 20.10
C LEU A 205 -0.37 24.47 19.60
N VAL A 206 -1.58 23.94 19.48
CA VAL A 206 -1.76 22.52 19.20
C VAL A 206 -1.27 22.08 17.80
N LYS A 207 -1.48 22.92 16.79
CA LYS A 207 -1.12 22.57 15.41
C LYS A 207 0.38 22.62 15.15
N GLU A 208 1.16 23.05 16.15
CA GLU A 208 2.58 23.30 15.91
C GLU A 208 3.40 22.05 15.71
N GLU A 209 3.16 21.01 16.48
CA GLU A 209 3.97 19.80 16.33
C GLU A 209 3.18 18.52 16.24
N ALA A 210 2.46 18.33 15.14
CA ALA A 210 1.62 17.15 14.95
C ALA A 210 2.31 16.10 14.11
N SER A 211 2.29 14.86 14.56
CA SER A 211 2.88 13.74 13.81
C SER A 211 2.17 12.45 14.17
N SER A 212 2.41 11.40 13.39
CA SER A 212 1.83 10.10 13.68
C SER A 212 2.76 9.01 13.18
N ALA A 213 2.86 7.91 13.94
CA ALA A 213 3.65 6.77 13.50
C ALA A 213 2.95 6.07 12.36
N VAL A 214 3.69 5.26 11.61
CA VAL A 214 3.14 4.54 10.46
C VAL A 214 3.41 3.03 10.57
N VAL A 215 2.36 2.26 10.69
CA VAL A 215 2.51 0.82 10.83
C VAL A 215 2.59 0.13 9.49
N GLY A 216 3.46 -0.88 9.42
CA GLY A 216 3.63 -1.63 8.19
C GLY A 216 4.06 -0.76 7.02
N ALA B 2 -23.84 22.42 -17.88
CA ALA B 2 -22.46 22.87 -17.80
C ALA B 2 -22.27 24.21 -18.48
N PRO B 3 -21.42 25.06 -17.92
CA PRO B 3 -21.09 26.37 -18.47
C PRO B 3 -20.33 26.30 -19.79
N ALA B 4 -20.33 27.42 -20.52
CA ALA B 4 -19.64 27.54 -21.80
C ALA B 4 -18.12 27.54 -21.64
N ALA B 5 -17.59 28.08 -20.55
CA ALA B 5 -16.17 27.97 -20.31
C ALA B 5 -15.83 27.83 -18.83
N VAL B 6 -14.74 27.13 -18.57
CA VAL B 6 -14.18 26.99 -17.23
C VAL B 6 -12.67 27.07 -17.38
N ASP B 7 -12.02 27.74 -16.44
CA ASP B 7 -10.57 27.72 -16.40
C ASP B 7 -10.18 27.76 -14.95
N TRP B 8 -9.75 26.64 -14.40
CA TRP B 8 -9.49 26.59 -12.97
C TRP B 8 -8.25 27.31 -12.50
N ARG B 9 -7.39 27.71 -13.43
CA ARG B 9 -6.19 28.45 -13.10
C ARG B 9 -6.58 29.83 -12.64
N ALA B 10 -7.61 30.34 -13.27
CA ALA B 10 -8.11 31.65 -12.99
C ALA B 10 -8.71 31.67 -11.62
N ARG B 11 -9.20 30.52 -11.18
CA ARG B 11 -9.74 30.40 -9.84
C ARG B 11 -8.60 30.01 -8.85
N GLY B 12 -7.37 30.05 -9.35
CA GLY B 12 -6.19 29.83 -8.53
C GLY B 12 -6.06 28.46 -7.91
N ALA B 13 -6.37 27.45 -8.68
CA ALA B 13 -6.47 26.11 -8.15
C ALA B 13 -5.46 25.21 -8.78
N VAL B 14 -4.56 25.79 -9.56
CA VAL B 14 -3.60 24.98 -10.29
C VAL B 14 -2.18 25.46 -10.00
N THR B 15 -1.30 24.51 -9.67
CA THR B 15 0.09 24.82 -9.37
C THR B 15 0.81 25.23 -10.64
N ALA B 16 2.04 25.70 -10.49
CA ALA B 16 2.86 26.07 -11.63
C ALA B 16 3.18 24.87 -12.48
N VAL B 17 3.38 25.12 -13.77
CA VAL B 17 3.80 24.08 -14.71
C VAL B 17 5.12 23.47 -14.20
N LYS B 18 5.20 22.15 -14.19
CA LYS B 18 6.40 21.52 -13.67
C LYS B 18 7.22 20.93 -14.78
N ASP B 19 8.34 20.31 -14.42
CA ASP B 19 9.21 19.67 -15.40
C ASP B 19 9.57 18.28 -14.96
N GLN B 20 9.08 17.29 -15.69
CA GLN B 20 9.35 15.90 -15.40
C GLN B 20 10.76 15.55 -15.90
N GLY B 21 11.30 16.45 -16.73
CA GLY B 21 12.64 16.28 -17.27
C GLY B 21 12.78 15.06 -18.17
N GLN B 22 13.93 14.41 -18.08
CA GLN B 22 14.18 13.21 -18.83
C GLN B 22 13.76 12.00 -18.00
N CYS B 23 12.46 11.72 -17.97
CA CYS B 23 11.94 10.61 -17.18
C CYS B 23 10.49 10.29 -17.59
N GLY B 24 10.16 9.01 -17.63
CA GLY B 24 8.85 8.58 -18.09
C GLY B 24 7.72 8.74 -17.09
N SER B 25 7.82 9.77 -16.27
CA SER B 25 6.91 9.95 -15.16
C SER B 25 5.69 10.86 -15.37
N SER B 26 5.19 10.98 -16.61
CA SER B 26 4.01 11.81 -16.88
C SER B 26 2.84 11.42 -16.00
N TRP B 27 2.80 10.13 -15.66
CA TRP B 27 1.70 9.55 -14.92
C TRP B 27 1.63 10.13 -13.53
N ALA B 28 2.79 10.22 -12.88
CA ALA B 28 2.87 10.73 -11.52
C ALA B 28 2.48 12.20 -11.46
N PHE B 29 3.01 13.00 -12.38
CA PHE B 29 2.63 14.41 -12.49
C PHE B 29 1.17 14.62 -12.76
N SER B 30 0.59 13.74 -13.57
CA SER B 30 -0.81 13.84 -13.85
C SER B 30 -1.58 13.62 -12.55
N ALA B 31 -1.28 12.52 -11.86
CA ALA B 31 -1.98 12.16 -10.63
C ALA B 31 -1.82 13.18 -9.54
N ILE B 32 -0.55 13.55 -9.28
CA ILE B 32 -0.21 14.49 -8.21
C ILE B 32 -0.90 15.80 -8.44
N GLY B 33 -0.74 16.32 -9.66
CA GLY B 33 -1.46 17.49 -10.13
C GLY B 33 -2.96 17.42 -9.87
N ASN B 34 -3.59 16.28 -10.12
CA ASN B 34 -5.00 16.17 -9.79
C ASN B 34 -5.27 16.35 -8.29
N VAL B 35 -4.46 15.75 -7.43
CA VAL B 35 -4.64 15.89 -6.00
C VAL B 35 -4.36 17.31 -5.54
N GLU B 36 -3.28 17.91 -6.05
CA GLU B 36 -2.98 19.29 -5.75
C GLU B 36 -4.23 20.19 -5.87
N CYS B 37 -4.90 20.09 -7.02
CA CYS B 37 -6.06 20.93 -7.31
C CYS B 37 -7.25 20.52 -6.47
N GLN B 38 -7.48 19.22 -6.35
CA GLN B 38 -8.57 18.70 -5.53
C GLN B 38 -8.46 19.07 -4.05
N TRP B 39 -7.24 19.14 -3.54
CA TRP B 39 -7.00 19.52 -2.16
C TRP B 39 -7.41 20.99 -1.95
N PHE B 40 -7.06 21.85 -2.89
CA PHE B 40 -7.36 23.27 -2.78
C PHE B 40 -8.85 23.46 -2.76
N LEU B 41 -9.51 22.85 -3.73
CA LEU B 41 -10.94 22.95 -3.89
C LEU B 41 -11.68 22.30 -2.71
N ALA B 42 -10.95 21.55 -1.89
CA ALA B 42 -11.51 20.90 -0.71
C ALA B 42 -11.64 21.90 0.44
N GLY B 43 -10.80 22.93 0.43
CA GLY B 43 -10.92 24.00 1.42
C GLY B 43 -9.60 24.42 2.02
N HIS B 44 -8.55 23.80 1.51
CA HIS B 44 -7.20 23.95 2.01
C HIS B 44 -6.33 24.82 1.09
N PRO B 45 -5.15 25.23 1.57
CA PRO B 45 -4.19 25.99 0.79
C PRO B 45 -3.67 25.16 -0.35
N LEU B 46 -3.37 25.81 -1.47
CA LEU B 46 -2.76 25.15 -2.61
C LEU B 46 -1.33 24.72 -2.28
N THR B 47 -1.11 23.43 -2.05
CA THR B 47 0.20 22.94 -1.64
C THR B 47 0.87 22.21 -2.80
N ASN B 48 2.15 22.46 -3.05
CA ASN B 48 2.88 21.70 -4.08
C ASN B 48 3.15 20.28 -3.57
N LEU B 49 2.67 19.26 -4.25
CA LEU B 49 2.84 17.90 -3.77
C LEU B 49 3.99 17.13 -4.44
N SER B 50 4.24 15.90 -3.98
CA SER B 50 5.42 15.17 -4.41
C SER B 50 5.14 14.12 -5.46
N GLU B 51 5.66 14.37 -6.64
CA GLU B 51 5.62 13.39 -7.70
C GLU B 51 6.63 12.31 -7.36
N GLN B 52 7.73 12.72 -6.78
CA GLN B 52 8.82 11.84 -6.44
C GLN B 52 8.39 10.74 -5.48
N MET B 53 7.39 11.04 -4.66
CA MET B 53 6.83 10.05 -3.75
C MET B 53 6.45 8.82 -4.49
N LEU B 54 5.85 9.03 -5.65
CA LEU B 54 5.25 7.97 -6.46
C LEU B 54 6.27 7.23 -7.31
N VAL B 55 7.16 7.97 -7.94
CA VAL B 55 8.18 7.37 -8.78
C VAL B 55 9.02 6.39 -7.99
N SER B 56 9.36 6.81 -6.79
CA SER B 56 10.21 6.06 -5.89
C SER B 56 9.45 5.02 -5.08
N CYS B 57 8.32 5.39 -4.49
CA CYS B 57 7.67 4.48 -3.53
C CYS B 57 6.51 3.64 -4.08
N ASP B 58 5.85 4.12 -5.13
CA ASP B 58 4.79 3.34 -5.76
C ASP B 58 5.41 2.18 -6.55
N LYS B 59 5.26 0.97 -6.00
CA LYS B 59 5.87 -0.25 -6.54
C LYS B 59 5.01 -0.86 -7.64
N THR B 60 3.70 -0.63 -7.55
CA THR B 60 2.73 -1.04 -8.55
C THR B 60 3.11 -0.50 -9.90
N ASP B 61 3.55 0.75 -9.90
CA ASP B 61 3.98 1.42 -11.11
C ASP B 61 5.48 1.25 -11.25
N SER B 62 6.00 1.31 -12.47
CA SER B 62 7.42 1.06 -12.63
C SER B 62 8.16 2.35 -12.89
N GLY B 63 8.34 3.09 -11.80
CA GLY B 63 9.22 4.24 -11.75
C GLY B 63 9.17 5.15 -12.96
N CYS B 64 10.33 5.35 -13.57
CA CYS B 64 10.51 6.38 -14.58
C CYS B 64 10.52 5.82 -15.98
N SER B 65 9.95 4.63 -16.12
CA SER B 65 9.83 4.00 -17.41
C SER B 65 8.35 3.87 -17.77
N GLY B 66 7.48 4.44 -16.94
CA GLY B 66 6.05 4.47 -17.21
C GLY B 66 5.15 4.13 -16.04
N GLY B 67 3.88 4.54 -16.13
CA GLY B 67 2.91 4.30 -15.08
C GLY B 67 1.46 4.63 -15.42
N LEU B 68 0.59 4.50 -14.43
CA LEU B 68 -0.84 4.75 -14.64
C LEU B 68 -1.48 5.49 -13.45
N MET B 69 -2.16 6.61 -13.74
CA MET B 69 -2.71 7.48 -12.72
C MET B 69 -3.65 6.74 -11.79
N ASN B 70 -4.45 5.83 -12.33
CA ASN B 70 -5.38 5.08 -11.51
C ASN B 70 -4.68 4.17 -10.51
N ASN B 71 -3.50 3.67 -10.87
CA ASN B 71 -2.74 2.82 -9.94
C ASN B 71 -2.22 3.62 -8.77
N ALA B 72 -1.77 4.83 -9.07
CA ALA B 72 -1.32 5.75 -8.06
C ALA B 72 -2.39 6.02 -6.98
N PHE B 73 -3.56 6.48 -7.38
CA PHE B 73 -4.67 6.74 -6.46
C PHE B 73 -5.04 5.49 -5.69
N GLU B 74 -4.81 4.34 -6.31
CA GLU B 74 -5.10 3.05 -5.68
C GLU B 74 -3.98 2.74 -4.70
N TRP B 75 -2.75 3.01 -5.12
CA TRP B 75 -1.57 2.81 -4.26
C TRP B 75 -1.63 3.69 -3.02
N ILE B 76 -1.79 4.99 -3.24
CA ILE B 76 -1.84 5.98 -2.19
C ILE B 76 -2.84 5.60 -1.14
N VAL B 77 -4.04 5.23 -1.53
CA VAL B 77 -5.05 4.97 -0.52
C VAL B 77 -4.76 3.66 0.16
N GLN B 78 -4.33 2.68 -0.62
CA GLN B 78 -4.20 1.33 -0.07
C GLN B 78 -2.79 0.93 0.43
N GLU B 79 -1.74 1.53 -0.12
CA GLU B 79 -0.41 1.33 0.47
C GLU B 79 0.05 2.42 1.44
N ASN B 80 -0.22 3.67 1.09
CA ASN B 80 0.28 4.85 1.80
C ASN B 80 -0.76 5.55 2.68
N ASN B 81 -1.82 4.84 3.05
CA ASN B 81 -2.84 5.37 3.95
C ASN B 81 -3.47 6.70 3.59
N GLY B 82 -3.42 7.04 2.31
CA GLY B 82 -4.07 8.24 1.79
C GLY B 82 -3.16 9.42 1.67
N ALA B 83 -1.94 9.26 2.17
CA ALA B 83 -1.04 10.39 2.28
C ALA B 83 -0.35 10.77 1.01
N VAL B 84 -0.40 12.05 0.67
CA VAL B 84 0.44 12.56 -0.39
C VAL B 84 1.37 13.58 0.23
N TYR B 85 2.68 13.35 0.13
CA TYR B 85 3.67 14.21 0.77
C TYR B 85 3.84 15.48 -0.02
N THR B 86 4.32 16.53 0.64
CA THR B 86 4.63 17.79 -0.03
C THR B 86 5.90 17.68 -0.82
N GLU B 87 6.13 18.65 -1.69
CA GLU B 87 7.32 18.61 -2.53
C GLU B 87 8.53 19.00 -1.74
N ASP B 88 8.34 19.92 -0.78
CA ASP B 88 9.44 20.39 0.04
C ASP B 88 9.97 19.24 0.89
N SER B 89 9.10 18.31 1.21
CA SER B 89 9.46 17.19 2.05
C SER B 89 9.94 15.96 1.27
N TYR B 90 9.54 15.86 0.00
CA TYR B 90 9.98 14.77 -0.89
C TYR B 90 10.06 15.25 -2.34
N PRO B 91 11.10 16.03 -2.66
CA PRO B 91 11.29 16.72 -3.94
C PRO B 91 11.64 15.82 -5.12
N TYR B 92 11.41 16.33 -6.32
CA TYR B 92 11.69 15.58 -7.54
C TYR B 92 13.19 15.45 -7.72
N ALA B 93 13.67 14.23 -7.95
CA ALA B 93 15.09 13.99 -8.08
C ALA B 93 15.44 13.40 -9.41
N SER B 94 14.46 12.72 -9.97
CA SER B 94 14.62 11.93 -11.18
C SER B 94 14.73 12.77 -12.46
N GLY B 95 15.03 14.06 -12.31
CA GLY B 95 15.15 14.99 -13.42
C GLY B 95 16.13 14.59 -14.50
N GLU B 96 17.21 13.93 -14.12
CA GLU B 96 18.23 13.53 -15.08
C GLU B 96 18.03 12.06 -15.45
N GLY B 97 17.09 11.40 -14.78
CA GLY B 97 16.78 10.03 -15.07
C GLY B 97 17.04 9.18 -13.85
N ILE B 98 17.76 9.76 -12.90
CA ILE B 98 18.18 9.08 -11.67
C ILE B 98 17.09 9.04 -10.58
N SER B 99 16.59 7.85 -10.25
CA SER B 99 15.52 7.72 -9.26
C SER B 99 15.88 7.12 -7.89
N PRO B 100 15.99 7.97 -6.85
CA PRO B 100 16.22 7.54 -5.46
C PRO B 100 15.24 6.46 -4.99
N PRO B 101 15.54 5.77 -3.88
CA PRO B 101 14.68 4.76 -3.28
C PRO B 101 13.64 5.35 -2.34
N CYS B 102 12.72 4.51 -1.88
CA CYS B 102 11.70 4.94 -0.93
C CYS B 102 12.30 5.35 0.41
N THR B 103 11.56 6.19 1.14
CA THR B 103 11.94 6.55 2.50
C THR B 103 10.63 6.65 3.30
N THR B 104 10.70 6.54 4.61
CA THR B 104 9.54 6.86 5.44
C THR B 104 10.08 7.62 6.62
N SER B 105 11.18 8.31 6.35
CA SER B 105 11.93 9.09 7.32
C SER B 105 11.23 10.39 7.67
N GLY B 106 10.00 10.29 8.17
CA GLY B 106 9.29 11.45 8.66
C GLY B 106 9.03 12.57 7.67
N HIS B 107 8.28 12.26 6.62
CA HIS B 107 7.90 13.27 5.64
C HIS B 107 6.67 14.04 6.07
N THR B 108 6.41 15.16 5.41
CA THR B 108 5.21 15.94 5.72
C THR B 108 4.05 15.64 4.77
N VAL B 109 2.87 15.39 5.34
CA VAL B 109 1.69 15.06 4.57
C VAL B 109 0.98 16.29 4.01
N GLY B 110 1.16 16.54 2.71
CA GLY B 110 0.61 17.72 2.07
C GLY B 110 -0.87 17.67 1.81
N ALA B 111 -1.38 16.44 1.63
CA ALA B 111 -2.80 16.24 1.36
C ALA B 111 -3.21 14.80 1.67
N THR B 112 -4.50 14.60 1.95
CA THR B 112 -5.00 13.28 2.27
C THR B 112 -6.23 12.91 1.48
N ILE B 113 -6.07 11.95 0.56
CA ILE B 113 -7.20 11.47 -0.19
C ILE B 113 -7.79 10.18 0.39
N THR B 114 -9.03 9.88 -0.01
CA THR B 114 -9.76 8.74 0.54
C THR B 114 -10.24 7.79 -0.54
N GLY B 115 -9.98 8.15 -1.79
CA GLY B 115 -10.33 7.30 -2.91
C GLY B 115 -10.09 7.98 -4.23
N HIS B 116 -10.80 7.50 -5.25
CA HIS B 116 -10.81 8.13 -6.56
C HIS B 116 -12.02 7.67 -7.37
N VAL B 117 -12.32 8.44 -8.41
CA VAL B 117 -13.39 8.13 -9.32
C VAL B 117 -12.90 8.15 -10.76
N GLU B 118 -13.51 7.28 -11.57
CA GLU B 118 -13.28 7.26 -13.01
C GLU B 118 -14.39 7.99 -13.72
N LEU B 119 -14.03 8.67 -14.81
CA LEU B 119 -15.05 9.34 -15.58
C LEU B 119 -15.39 8.58 -16.88
N PRO B 120 -16.66 8.67 -17.30
CA PRO B 120 -17.14 8.09 -18.54
C PRO B 120 -16.26 8.48 -19.72
N GLN B 121 -16.39 7.76 -20.82
CA GLN B 121 -15.64 8.05 -22.03
C GLN B 121 -16.42 9.02 -22.92
N ASP B 122 -16.94 10.07 -22.31
CA ASP B 122 -17.79 11.03 -22.98
C ASP B 122 -17.19 12.39 -22.68
N GLU B 123 -16.74 13.08 -23.72
CA GLU B 123 -16.10 14.38 -23.55
C GLU B 123 -17.01 15.34 -22.81
N ALA B 124 -18.32 15.21 -23.03
CA ALA B 124 -19.31 16.08 -22.39
C ALA B 124 -19.48 15.77 -20.95
N GLN B 125 -19.54 14.48 -20.63
CA GLN B 125 -19.78 14.07 -19.26
C GLN B 125 -18.60 14.47 -18.38
N ILE B 126 -17.40 14.36 -18.95
CA ILE B 126 -16.16 14.84 -18.34
C ILE B 126 -16.20 16.33 -18.10
N ALA B 127 -16.45 17.12 -19.14
CA ALA B 127 -16.55 18.56 -19.00
C ALA B 127 -17.57 18.91 -17.92
N ALA B 128 -18.69 18.22 -17.95
CA ALA B 128 -19.71 18.39 -16.93
C ALA B 128 -19.17 18.30 -15.53
N TRP B 129 -18.38 17.26 -15.27
CA TRP B 129 -17.73 17.04 -13.98
C TRP B 129 -16.68 18.09 -13.70
N LEU B 130 -15.79 18.31 -14.65
CA LEU B 130 -14.68 19.21 -14.46
C LEU B 130 -15.20 20.57 -14.05
N ALA B 131 -16.32 20.97 -14.62
CA ALA B 131 -16.90 22.28 -14.35
C ALA B 131 -17.36 22.44 -12.89
N VAL B 132 -17.79 21.35 -12.28
CA VAL B 132 -18.24 21.36 -10.91
C VAL B 132 -17.12 21.05 -9.93
N ASN B 133 -16.35 20.02 -10.22
CA ASN B 133 -15.48 19.42 -9.23
C ASN B 133 -13.97 19.58 -9.43
N GLY B 134 -13.56 20.15 -10.57
CA GLY B 134 -12.19 20.57 -10.74
C GLY B 134 -11.40 19.69 -11.67
N PRO B 135 -10.16 20.11 -11.98
CA PRO B 135 -9.24 19.50 -12.94
C PRO B 135 -9.17 17.97 -12.87
N VAL B 136 -9.16 17.34 -14.06
CA VAL B 136 -9.26 15.90 -14.18
C VAL B 136 -7.98 15.34 -14.76
N ALA B 137 -7.53 14.20 -14.23
CA ALA B 137 -6.36 13.50 -14.78
C ALA B 137 -6.80 12.67 -15.95
N VAL B 138 -6.16 12.89 -17.09
CA VAL B 138 -6.51 12.16 -18.27
C VAL B 138 -5.25 11.72 -18.98
N ALA B 139 -5.35 10.61 -19.70
CA ALA B 139 -4.25 10.11 -20.51
C ALA B 139 -4.53 10.49 -21.96
N VAL B 140 -3.48 10.74 -22.73
CA VAL B 140 -3.62 11.23 -24.10
C VAL B 140 -2.60 10.60 -25.03
N ASP B 141 -2.70 10.88 -26.32
CA ASP B 141 -1.70 10.42 -27.29
C ASP B 141 -0.85 11.60 -27.69
N ALA B 142 0.25 11.79 -26.96
CA ALA B 142 1.13 12.91 -27.24
C ALA B 142 2.20 12.54 -28.28
N SER B 143 1.80 11.79 -29.31
CA SER B 143 2.71 11.45 -30.39
C SER B 143 3.10 12.70 -31.13
N SER B 144 2.11 13.54 -31.40
CA SER B 144 2.29 14.74 -32.20
C SER B 144 2.59 16.02 -31.39
N TRP B 145 2.98 15.84 -30.14
CA TRP B 145 3.09 16.98 -29.22
C TRP B 145 4.44 17.68 -29.22
N MET B 146 5.47 17.00 -29.69
CA MET B 146 6.80 17.59 -29.67
C MET B 146 6.81 18.79 -30.59
N THR B 147 6.07 18.68 -31.70
CA THR B 147 6.09 19.70 -32.74
C THR B 147 5.37 20.98 -32.32
N TYR B 148 4.74 20.96 -31.13
CA TYR B 148 3.76 21.97 -30.71
C TYR B 148 4.29 23.33 -30.24
N THR B 149 3.76 24.37 -30.87
CA THR B 149 4.19 25.74 -30.65
C THR B 149 3.16 26.54 -29.87
N GLY B 150 1.89 26.22 -30.10
CA GLY B 150 0.77 26.91 -29.48
C GLY B 150 -0.44 26.81 -30.38
N GLY B 151 -1.60 27.27 -29.93
CA GLY B 151 -2.78 27.25 -30.76
C GLY B 151 -3.64 26.05 -30.44
N VAL B 152 -4.80 25.94 -31.08
CA VAL B 152 -5.66 24.78 -30.90
C VAL B 152 -5.27 23.65 -31.84
N MET B 153 -4.82 22.53 -31.27
CA MET B 153 -4.45 21.37 -32.06
C MET B 153 -5.69 20.63 -32.57
N THR B 154 -5.73 20.34 -33.88
CA THR B 154 -6.92 19.79 -34.50
C THR B 154 -6.71 18.52 -35.28
N SER B 155 -5.48 18.30 -35.73
CA SER B 155 -5.19 17.12 -36.53
C SER B 155 -4.18 16.35 -35.75
N CYS B 156 -4.58 16.01 -34.54
CA CYS B 156 -3.68 15.37 -33.61
C CYS B 156 -3.67 13.87 -33.86
N VAL B 157 -2.47 13.33 -33.96
CA VAL B 157 -2.28 11.90 -34.07
C VAL B 157 -2.89 11.29 -32.83
N SER B 158 -3.98 10.55 -33.00
CA SER B 158 -4.77 10.08 -31.89
C SER B 158 -4.94 8.57 -31.90
N GLU B 159 -3.87 7.82 -31.72
CA GLU B 159 -3.95 6.39 -31.97
C GLU B 159 -3.55 5.54 -30.77
N GLN B 160 -2.61 6.03 -29.98
CA GLN B 160 -2.03 5.26 -28.88
C GLN B 160 -1.74 6.11 -27.64
N LEU B 161 -2.25 5.68 -26.49
CA LEU B 161 -2.04 6.38 -25.22
C LEU B 161 -0.58 6.29 -24.71
N ASP B 162 0.15 7.41 -24.74
CA ASP B 162 1.53 7.43 -24.25
C ASP B 162 1.82 8.41 -23.09
N HIS B 163 0.92 9.36 -22.83
CA HIS B 163 1.23 10.48 -21.95
C HIS B 163 0.17 10.74 -20.90
N GLY B 164 0.59 11.23 -19.74
CA GLY B 164 -0.32 11.61 -18.68
C GLY B 164 -0.37 13.12 -18.50
N VAL B 165 -1.56 13.70 -18.55
CA VAL B 165 -1.69 15.15 -18.45
C VAL B 165 -2.87 15.55 -17.55
N LEU B 166 -3.15 16.84 -17.49
CA LEU B 166 -4.19 17.34 -16.61
C LEU B 166 -5.11 18.33 -17.32
N LEU B 167 -6.39 17.99 -17.39
CA LEU B 167 -7.40 18.88 -17.93
C LEU B 167 -7.65 19.93 -16.88
N VAL B 168 -7.49 21.20 -17.20
CA VAL B 168 -7.76 22.21 -16.20
C VAL B 168 -8.92 23.09 -16.57
N GLY B 169 -9.46 22.91 -17.77
CA GLY B 169 -10.65 23.63 -18.15
C GLY B 169 -10.91 23.58 -19.64
N TYR B 170 -12.07 24.09 -20.05
CA TYR B 170 -12.44 24.05 -21.45
C TYR B 170 -13.04 25.39 -21.91
N ASN B 171 -13.42 25.45 -23.18
CA ASN B 171 -14.07 26.61 -23.80
C ASN B 171 -14.97 26.19 -24.94
N ASP B 172 -16.28 26.15 -24.71
CA ASP B 172 -17.24 25.77 -25.75
C ASP B 172 -17.66 26.99 -26.56
N SER B 173 -17.24 28.16 -26.11
CA SER B 173 -17.66 29.39 -26.76
C SER B 173 -16.87 29.68 -28.02
N ALA B 174 -15.59 29.29 -28.02
CA ALA B 174 -14.71 29.60 -29.13
C ALA B 174 -15.21 29.05 -30.45
N ALA B 175 -14.68 29.61 -31.53
CA ALA B 175 -15.01 29.16 -32.88
C ALA B 175 -14.74 27.68 -32.94
N VAL B 176 -13.60 27.27 -32.44
CA VAL B 176 -13.35 25.87 -32.20
C VAL B 176 -13.16 25.61 -30.72
N PRO B 177 -14.13 24.91 -30.11
CA PRO B 177 -14.12 24.51 -28.71
C PRO B 177 -12.88 23.72 -28.35
N TYR B 178 -12.35 23.90 -27.14
CA TYR B 178 -11.09 23.26 -26.74
C TYR B 178 -10.96 22.88 -25.29
N TRP B 179 -10.08 21.93 -24.99
CA TRP B 179 -9.66 21.64 -23.61
C TRP B 179 -8.40 22.44 -23.30
N ILE B 180 -8.26 22.90 -22.06
CA ILE B 180 -7.03 23.52 -21.64
C ILE B 180 -6.31 22.51 -20.78
N ILE B 181 -5.11 22.13 -21.23
CA ILE B 181 -4.36 21.02 -20.65
C ILE B 181 -2.99 21.42 -20.13
N LYS B 182 -2.73 21.05 -18.88
CA LYS B 182 -1.44 21.28 -18.25
C LYS B 182 -0.46 20.13 -18.55
N ASN B 183 0.69 20.49 -19.09
CA ASN B 183 1.68 19.48 -19.45
C ASN B 183 2.93 19.64 -18.63
N SER B 184 3.55 18.53 -18.30
CA SER B 184 4.68 18.52 -17.42
C SER B 184 5.96 18.58 -18.21
N TRP B 185 6.02 19.47 -19.20
CA TRP B 185 7.23 19.64 -20.00
C TRP B 185 7.74 21.05 -19.97
N THR B 186 7.92 21.61 -18.79
CA THR B 186 8.33 23.00 -18.60
C THR B 186 7.38 23.98 -19.26
N THR B 187 7.75 25.26 -19.21
CA THR B 187 6.90 26.34 -19.70
C THR B 187 7.33 26.88 -21.05
N GLN B 188 8.49 26.45 -21.52
CA GLN B 188 8.93 26.87 -22.83
C GLN B 188 8.10 26.15 -23.89
N TRP B 189 7.73 24.91 -23.59
CA TRP B 189 6.91 24.11 -24.49
C TRP B 189 5.49 24.65 -24.57
N GLY B 190 5.00 24.87 -25.78
CA GLY B 190 3.63 25.28 -25.98
C GLY B 190 3.22 26.65 -25.45
N GLU B 191 1.99 26.70 -24.93
CA GLU B 191 1.42 27.93 -24.37
C GLU B 191 1.71 28.00 -22.88
N GLU B 192 2.96 28.39 -22.57
CA GLU B 192 3.45 28.56 -21.22
C GLU B 192 3.34 27.29 -20.41
N GLY B 193 3.57 26.15 -21.06
CA GLY B 193 3.53 24.86 -20.39
C GLY B 193 2.28 24.11 -20.72
N TYR B 194 1.30 24.86 -21.24
CA TYR B 194 -0.03 24.34 -21.57
C TYR B 194 -0.28 24.07 -23.05
N ILE B 195 -1.43 23.47 -23.34
CA ILE B 195 -1.81 23.14 -24.70
C ILE B 195 -3.32 23.08 -24.84
N ARG B 196 -3.83 23.65 -25.93
CA ARG B 196 -5.25 23.57 -26.22
C ARG B 196 -5.47 22.56 -27.33
N ILE B 197 -6.29 21.55 -27.05
CA ILE B 197 -6.60 20.60 -28.08
C ILE B 197 -8.11 20.58 -28.29
N ALA B 198 -8.56 20.38 -29.52
CA ALA B 198 -9.95 20.54 -29.86
C ALA B 198 -10.89 19.60 -29.10
N LYS B 199 -11.94 20.19 -28.55
CA LYS B 199 -12.90 19.47 -27.74
C LYS B 199 -14.08 19.04 -28.55
N GLY B 200 -14.47 17.78 -28.41
CA GLY B 200 -15.67 17.25 -29.04
C GLY B 200 -15.47 16.10 -30.00
N SER B 201 -14.26 16.03 -30.54
CA SER B 201 -13.91 15.09 -31.58
C SER B 201 -12.85 14.10 -31.13
N ASN B 202 -12.78 13.91 -29.81
CA ASN B 202 -11.90 12.97 -29.10
C ASN B 202 -10.44 13.08 -29.47
N GLN B 203 -9.94 14.31 -29.60
CA GLN B 203 -8.55 14.55 -29.94
C GLN B 203 -7.58 13.87 -28.99
N CYS B 204 -6.47 13.39 -29.53
CA CYS B 204 -5.41 12.73 -28.74
C CYS B 204 -5.91 11.63 -27.81
N LEU B 205 -7.10 11.11 -28.07
CA LEU B 205 -7.76 10.09 -27.27
C LEU B 205 -8.03 10.56 -25.86
N VAL B 206 -8.39 11.82 -25.72
CA VAL B 206 -8.45 12.48 -24.42
C VAL B 206 -9.46 11.84 -23.46
N LYS B 207 -10.61 11.47 -23.97
CA LYS B 207 -11.69 10.95 -23.12
C LYS B 207 -11.53 9.50 -22.68
N GLU B 208 -10.47 8.83 -23.10
CA GLU B 208 -10.35 7.41 -22.81
C GLU B 208 -10.09 7.11 -21.34
N GLU B 209 -9.18 7.87 -20.73
CA GLU B 209 -8.78 7.53 -19.37
C GLU B 209 -8.87 8.72 -18.43
N ALA B 210 -10.10 9.12 -18.13
CA ALA B 210 -10.30 10.23 -17.24
C ALA B 210 -10.67 9.73 -15.84
N SER B 211 -9.96 10.26 -14.85
CA SER B 211 -10.22 9.95 -13.44
C SER B 211 -9.78 11.13 -12.62
N SER B 212 -10.27 11.19 -11.38
CA SER B 212 -9.98 12.28 -10.47
C SER B 212 -9.88 11.70 -9.07
N ALA B 213 -8.95 12.21 -8.27
CA ALA B 213 -8.84 11.75 -6.90
C ALA B 213 -9.99 12.29 -6.07
N VAL B 214 -10.17 11.69 -4.90
CA VAL B 214 -11.26 12.10 -4.03
C VAL B 214 -10.75 12.45 -2.63
N VAL B 215 -10.93 13.71 -2.26
CA VAL B 215 -10.66 14.13 -0.90
C VAL B 215 -11.99 13.91 -0.18
N GLY B 216 -11.94 13.47 1.08
CA GLY B 216 -13.15 13.10 1.80
C GLY B 216 -13.94 14.25 2.40
N ALA C 2 -50.55 23.46 -20.93
CA ALA C 2 -49.95 22.18 -20.55
C ALA C 2 -50.30 21.19 -21.61
N PRO C 3 -49.39 20.28 -21.91
CA PRO C 3 -49.84 19.24 -22.84
C PRO C 3 -50.91 18.36 -22.19
N ALA C 4 -51.75 17.74 -23.01
CA ALA C 4 -52.82 16.90 -22.50
C ALA C 4 -52.29 15.63 -21.85
N ALA C 5 -51.25 15.06 -22.44
CA ALA C 5 -50.62 13.89 -21.87
C ALA C 5 -49.12 13.91 -22.15
N VAL C 6 -48.38 13.34 -21.21
CA VAL C 6 -46.95 13.16 -21.35
C VAL C 6 -46.63 11.77 -20.81
N ASP C 7 -45.72 11.08 -21.49
CA ASP C 7 -45.20 9.82 -21.00
C ASP C 7 -43.75 9.75 -21.38
N TRP C 8 -42.88 10.00 -20.42
CA TRP C 8 -41.45 10.09 -20.65
C TRP C 8 -40.76 8.79 -20.93
N ARG C 9 -41.47 7.69 -20.74
CA ARG C 9 -40.90 6.41 -21.09
C ARG C 9 -40.78 6.33 -22.60
N ALA C 10 -41.78 6.85 -23.31
CA ALA C 10 -41.81 6.84 -24.76
C ALA C 10 -40.74 7.71 -25.41
N ARG C 11 -40.30 8.76 -24.71
CA ARG C 11 -39.22 9.59 -25.21
C ARG C 11 -37.89 9.00 -24.76
N GLY C 12 -37.94 7.75 -24.28
CA GLY C 12 -36.76 6.96 -23.94
C GLY C 12 -35.93 7.49 -22.79
N ALA C 13 -36.61 7.95 -21.75
CA ALA C 13 -35.97 8.69 -20.68
C ALA C 13 -36.02 7.93 -19.38
N VAL C 14 -36.45 6.69 -19.41
CA VAL C 14 -36.63 5.89 -18.22
C VAL C 14 -35.86 4.57 -18.27
N THR C 15 -35.13 4.25 -17.20
CA THR C 15 -34.42 2.99 -17.10
C THR C 15 -35.38 1.81 -16.91
N ALA C 16 -34.84 0.61 -17.01
CA ALA C 16 -35.67 -0.56 -16.79
C ALA C 16 -36.12 -0.53 -15.33
N VAL C 17 -37.30 -1.08 -15.05
CA VAL C 17 -37.78 -1.24 -13.69
C VAL C 17 -36.82 -2.09 -12.87
N LYS C 18 -36.54 -1.67 -11.63
CA LYS C 18 -35.58 -2.37 -10.80
C LYS C 18 -36.20 -3.13 -9.62
N ASP C 19 -35.33 -3.83 -8.88
CA ASP C 19 -35.80 -4.66 -7.78
C ASP C 19 -35.05 -4.33 -6.50
N GLN C 20 -35.78 -3.74 -5.55
CA GLN C 20 -35.20 -3.34 -4.28
C GLN C 20 -35.13 -4.49 -3.32
N GLY C 21 -35.91 -5.53 -3.61
CA GLY C 21 -35.96 -6.70 -2.75
C GLY C 21 -36.50 -6.38 -1.38
N GLN C 22 -35.99 -7.09 -0.38
CA GLN C 22 -36.43 -6.94 1.01
C GLN C 22 -35.62 -5.82 1.66
N CYS C 23 -36.10 -4.59 1.51
CA CYS C 23 -35.37 -3.41 1.99
C CYS C 23 -36.27 -2.18 1.97
N GLY C 24 -36.19 -1.33 2.99
CA GLY C 24 -37.07 -0.17 3.03
C GLY C 24 -36.54 0.98 2.22
N SER C 25 -35.74 0.67 1.21
CA SER C 25 -34.99 1.68 0.48
C SER C 25 -35.64 2.27 -0.79
N SER C 26 -36.96 2.49 -0.74
CA SER C 26 -37.65 3.14 -1.84
C SER C 26 -36.99 4.47 -2.17
N TRP C 27 -36.61 5.18 -1.12
CA TRP C 27 -36.08 6.54 -1.21
C TRP C 27 -34.92 6.64 -2.18
N ALA C 28 -34.07 5.62 -2.21
CA ALA C 28 -32.91 5.65 -3.07
C ALA C 28 -33.28 5.40 -4.52
N PHE C 29 -34.13 4.41 -4.76
CA PHE C 29 -34.63 4.09 -6.09
C PHE C 29 -35.34 5.28 -6.71
N SER C 30 -36.10 6.00 -5.89
CA SER C 30 -36.79 7.18 -6.37
C SER C 30 -35.79 8.28 -6.73
N ALA C 31 -34.86 8.56 -5.83
CA ALA C 31 -33.88 9.61 -6.07
C ALA C 31 -33.05 9.26 -7.29
N ILE C 32 -32.50 8.04 -7.27
CA ILE C 32 -31.64 7.60 -8.34
C ILE C 32 -32.41 7.58 -9.65
N GLY C 33 -33.59 7.00 -9.64
CA GLY C 33 -34.45 7.05 -10.82
C GLY C 33 -34.63 8.44 -11.40
N ASN C 34 -34.97 9.39 -10.54
CA ASN C 34 -35.12 10.77 -10.96
C ASN C 34 -33.87 11.28 -11.61
N VAL C 35 -32.72 10.96 -11.02
CA VAL C 35 -31.45 11.44 -11.56
C VAL C 35 -31.17 10.83 -12.90
N GLU C 36 -31.38 9.52 -13.02
CA GLU C 36 -31.21 8.81 -14.28
C GLU C 36 -31.87 9.54 -15.47
N CYS C 37 -33.14 9.94 -15.27
CA CYS C 37 -33.90 10.67 -16.30
C CYS C 37 -33.37 12.08 -16.50
N GLN C 38 -33.20 12.81 -15.41
CA GLN C 38 -32.77 14.19 -15.51
C GLN C 38 -31.45 14.29 -16.26
N TRP C 39 -30.55 13.32 -16.02
CA TRP C 39 -29.25 13.26 -16.69
C TRP C 39 -29.44 13.06 -18.20
N PHE C 40 -30.40 12.21 -18.56
CA PHE C 40 -30.68 11.98 -19.97
C PHE C 40 -31.22 13.24 -20.63
N LEU C 41 -32.22 13.85 -20.01
CA LEU C 41 -32.89 15.02 -20.56
C LEU C 41 -31.93 16.19 -20.58
N ALA C 42 -30.78 16.02 -19.92
CA ALA C 42 -29.76 17.04 -19.97
C ALA C 42 -29.03 16.92 -21.30
N GLY C 43 -28.98 15.71 -21.85
CA GLY C 43 -28.38 15.50 -23.16
C GLY C 43 -27.45 14.29 -23.23
N HIS C 44 -27.40 13.53 -22.15
CA HIS C 44 -26.43 12.47 -22.02
C HIS C 44 -27.06 11.10 -22.24
N PRO C 45 -26.22 10.10 -22.51
CA PRO C 45 -26.82 8.78 -22.71
C PRO C 45 -27.48 8.31 -21.46
N LEU C 46 -28.65 7.70 -21.60
CA LEU C 46 -29.42 7.18 -20.47
C LEU C 46 -28.64 6.12 -19.75
N THR C 47 -28.17 6.44 -18.57
CA THR C 47 -27.33 5.53 -17.83
C THR C 47 -28.13 4.95 -16.66
N ASN C 48 -27.91 3.68 -16.37
CA ASN C 48 -28.40 3.06 -15.15
C ASN C 48 -27.49 3.49 -13.98
N LEU C 49 -28.06 4.14 -12.97
CA LEU C 49 -27.26 4.64 -11.87
C LEU C 49 -27.33 3.73 -10.64
N SER C 50 -26.59 4.10 -9.59
CA SER C 50 -26.44 3.22 -8.43
C SER C 50 -27.30 3.58 -7.25
N GLU C 51 -28.28 2.74 -6.97
CA GLU C 51 -29.09 2.90 -5.77
C GLU C 51 -28.27 2.56 -4.55
N GLN C 52 -27.33 1.62 -4.73
CA GLN C 52 -26.52 1.10 -3.63
C GLN C 52 -25.70 2.17 -2.95
N MET C 53 -25.18 3.09 -3.77
CA MET C 53 -24.39 4.19 -3.29
C MET C 53 -25.10 4.99 -2.18
N LEU C 54 -26.40 5.19 -2.29
CA LEU C 54 -27.13 5.94 -1.26
C LEU C 54 -27.38 5.05 -0.05
N VAL C 55 -27.67 3.77 -0.31
CA VAL C 55 -27.91 2.83 0.78
C VAL C 55 -26.68 2.59 1.65
N SER C 56 -25.53 2.40 1.01
CA SER C 56 -24.28 2.14 1.72
C SER C 56 -23.59 3.42 2.25
N CYS C 57 -23.58 4.48 1.46
CA CYS C 57 -22.74 5.65 1.76
C CYS C 57 -23.47 6.85 2.35
N ASP C 58 -24.72 7.05 1.94
CA ASP C 58 -25.47 8.16 2.50
C ASP C 58 -25.89 7.69 3.85
N LYS C 59 -25.17 8.13 4.88
CA LYS C 59 -25.46 7.73 6.25
C LYS C 59 -26.47 8.69 6.90
N THR C 60 -26.58 9.89 6.32
CA THR C 60 -27.62 10.85 6.71
C THR C 60 -28.98 10.20 6.63
N ASP C 61 -29.16 9.44 5.55
CA ASP C 61 -30.37 8.67 5.37
C ASP C 61 -30.09 7.24 5.83
N SER C 62 -30.72 6.84 6.92
CA SER C 62 -30.50 5.51 7.46
C SER C 62 -31.72 4.69 7.10
N GLY C 63 -31.61 3.79 6.11
CA GLY C 63 -30.33 3.34 5.55
C GLY C 63 -30.54 1.85 5.39
N CYS C 64 -31.33 1.48 4.37
CA CYS C 64 -31.93 0.15 4.19
C CYS C 64 -33.02 -0.08 5.22
N SER C 65 -33.29 0.96 5.98
CA SER C 65 -34.30 0.96 7.03
C SER C 65 -35.10 2.27 6.98
N GLY C 66 -34.94 2.98 5.84
CA GLY C 66 -35.68 4.20 5.58
C GLY C 66 -34.85 5.33 5.00
N GLY C 67 -35.54 6.28 4.38
CA GLY C 67 -34.86 7.45 3.82
C GLY C 67 -35.81 8.50 3.30
N LEU C 68 -35.23 9.56 2.76
CA LEU C 68 -35.96 10.70 2.23
C LEU C 68 -35.31 11.27 0.96
N MET C 69 -36.12 11.49 -0.08
CA MET C 69 -35.57 11.92 -1.37
C MET C 69 -34.78 13.21 -1.37
N ASN C 70 -35.27 14.23 -0.66
CA ASN C 70 -34.55 15.50 -0.59
C ASN C 70 -33.22 15.32 0.13
N ASN C 71 -33.21 14.44 1.14
CA ASN C 71 -32.00 14.17 1.91
C ASN C 71 -30.95 13.48 1.05
N ALA C 72 -31.40 12.59 0.17
CA ALA C 72 -30.52 11.98 -0.81
C ALA C 72 -29.89 13.04 -1.74
N PHE C 73 -30.74 13.86 -2.37
CA PHE C 73 -30.29 14.93 -3.28
C PHE C 73 -29.37 15.90 -2.54
N GLU C 74 -29.64 16.06 -1.25
CA GLU C 74 -28.85 16.98 -0.47
C GLU C 74 -27.49 16.31 -0.19
N TRP C 75 -27.52 15.00 0.11
CA TRP C 75 -26.29 14.26 0.39
C TRP C 75 -25.34 14.25 -0.79
N ILE C 76 -25.86 13.84 -1.95
CA ILE C 76 -25.07 13.69 -3.16
C ILE C 76 -24.33 14.97 -3.45
N VAL C 77 -25.06 16.08 -3.36
CA VAL C 77 -24.52 17.35 -3.79
C VAL C 77 -23.43 17.85 -2.84
N GLN C 78 -23.68 17.64 -1.56
CA GLN C 78 -22.87 18.28 -0.52
C GLN C 78 -21.76 17.48 0.15
N GLU C 79 -21.97 16.19 0.37
CA GLU C 79 -20.91 15.35 0.92
C GLU C 79 -20.11 14.62 -0.16
N ASN C 80 -20.78 14.25 -1.25
CA ASN C 80 -20.17 13.46 -2.32
C ASN C 80 -19.78 14.21 -3.62
N ASN C 81 -19.62 15.52 -3.51
CA ASN C 81 -19.17 16.36 -4.61
C ASN C 81 -20.09 16.32 -5.83
N GLY C 82 -21.34 15.88 -5.61
CA GLY C 82 -22.37 15.92 -6.62
C GLY C 82 -22.52 14.66 -7.46
N ALA C 83 -21.60 13.73 -7.26
CA ALA C 83 -21.47 12.55 -8.09
C ALA C 83 -22.47 11.43 -7.79
N VAL C 84 -23.03 10.84 -8.84
CA VAL C 84 -23.77 9.59 -8.76
C VAL C 84 -23.06 8.51 -9.56
N TYR C 85 -22.74 7.41 -8.90
CA TYR C 85 -22.04 6.33 -9.52
C TYR C 85 -23.00 5.55 -10.39
N THR C 86 -22.47 4.87 -11.39
CA THR C 86 -23.26 4.01 -12.26
C THR C 86 -23.59 2.74 -11.49
N GLU C 87 -24.62 2.01 -11.90
CA GLU C 87 -24.96 0.76 -11.22
C GLU C 87 -23.96 -0.34 -11.53
N ASP C 88 -23.43 -0.33 -12.74
CA ASP C 88 -22.45 -1.33 -13.13
C ASP C 88 -21.16 -1.25 -12.33
N SER C 89 -20.85 -0.07 -11.78
CA SER C 89 -19.64 0.08 -10.96
C SER C 89 -19.95 -0.04 -9.47
N TYR C 90 -21.22 0.12 -9.11
CA TYR C 90 -21.68 -0.01 -7.72
C TYR C 90 -23.07 -0.64 -7.67
N PRO C 91 -23.12 -1.96 -7.88
CA PRO C 91 -24.38 -2.70 -8.03
C PRO C 91 -25.13 -2.81 -6.74
N TYR C 92 -26.42 -3.05 -6.87
CA TYR C 92 -27.27 -3.22 -5.72
C TYR C 92 -26.93 -4.54 -5.10
N ALA C 93 -26.72 -4.53 -3.79
CA ALA C 93 -26.36 -5.72 -3.01
C ALA C 93 -27.33 -5.89 -1.85
N SER C 94 -27.95 -4.78 -1.47
CA SER C 94 -28.85 -4.74 -0.32
C SER C 94 -30.19 -5.43 -0.54
N GLY C 95 -30.25 -6.38 -1.48
CA GLY C 95 -31.51 -7.05 -1.76
C GLY C 95 -32.17 -7.75 -0.58
N GLU C 96 -31.35 -8.38 0.26
CA GLU C 96 -31.86 -9.18 1.37
C GLU C 96 -31.86 -8.46 2.72
N GLY C 97 -31.23 -7.29 2.76
CA GLY C 97 -31.12 -6.48 3.97
C GLY C 97 -29.68 -6.12 4.32
N ILE C 98 -28.72 -6.83 3.73
CA ILE C 98 -27.30 -6.56 4.04
C ILE C 98 -26.78 -5.38 3.23
N SER C 99 -26.48 -4.28 3.93
CA SER C 99 -26.02 -3.08 3.29
C SER C 99 -24.54 -2.96 3.49
N PRO C 100 -23.76 -3.30 2.46
CA PRO C 100 -22.29 -3.25 2.49
C PRO C 100 -21.78 -1.90 3.00
N PRO C 101 -20.48 -1.80 3.28
CA PRO C 101 -20.01 -0.49 3.69
C PRO C 101 -19.70 0.36 2.46
N CYS C 102 -19.46 1.64 2.67
CA CYS C 102 -19.08 2.54 1.59
C CYS C 102 -17.73 2.16 0.99
N THR C 103 -17.51 2.59 -0.25
CA THR C 103 -16.22 2.43 -0.91
C THR C 103 -15.87 3.67 -1.75
N THR C 104 -14.63 3.74 -2.17
CA THR C 104 -14.22 4.71 -3.18
C THR C 104 -13.18 4.03 -4.05
N SER C 105 -13.34 2.73 -4.22
CA SER C 105 -12.39 1.92 -4.99
C SER C 105 -12.53 2.16 -6.47
N GLY C 106 -12.41 3.41 -6.88
CA GLY C 106 -12.43 3.78 -8.29
C GLY C 106 -13.69 3.41 -9.04
N HIS C 107 -14.82 3.95 -8.58
CA HIS C 107 -16.10 3.74 -9.23
C HIS C 107 -16.27 4.71 -10.40
N THR C 108 -17.30 4.49 -11.22
CA THR C 108 -17.56 5.37 -12.36
C THR C 108 -18.69 6.36 -12.06
N VAL C 109 -18.48 7.61 -12.44
CA VAL C 109 -19.47 8.66 -12.21
C VAL C 109 -20.53 8.66 -13.32
N GLY C 110 -21.71 8.15 -13.02
CA GLY C 110 -22.76 8.06 -14.02
C GLY C 110 -23.43 9.37 -14.32
N ALA C 111 -23.42 10.27 -13.34
CA ALA C 111 -24.14 11.53 -13.44
C ALA C 111 -23.52 12.53 -12.50
N THR C 112 -23.73 13.81 -12.73
CA THR C 112 -23.26 14.85 -11.81
C THR C 112 -24.38 15.85 -11.49
N ILE C 113 -24.89 15.85 -10.27
CA ILE C 113 -25.85 16.90 -9.97
C ILE C 113 -25.24 18.09 -9.18
N THR C 114 -25.92 19.23 -9.24
CA THR C 114 -25.38 20.46 -8.66
C THR C 114 -26.35 21.02 -7.64
N GLY C 115 -27.52 20.39 -7.54
CA GLY C 115 -28.53 20.76 -6.56
C GLY C 115 -29.83 20.00 -6.78
N HIS C 116 -30.92 20.51 -6.24
CA HIS C 116 -32.24 19.92 -6.49
C HIS C 116 -33.35 20.93 -6.22
N VAL C 117 -34.56 20.66 -6.69
CA VAL C 117 -35.67 21.55 -6.40
C VAL C 117 -36.81 20.81 -5.76
N GLU C 118 -37.44 21.44 -4.76
CA GLU C 118 -38.63 20.88 -4.14
C GLU C 118 -39.79 21.54 -4.87
N LEU C 119 -40.82 20.77 -5.16
CA LEU C 119 -41.95 21.27 -5.93
C LEU C 119 -43.19 21.56 -5.09
N PRO C 120 -44.05 22.44 -5.60
CA PRO C 120 -45.33 22.80 -4.99
C PRO C 120 -46.17 21.63 -4.54
N GLN C 121 -47.08 21.92 -3.62
CA GLN C 121 -48.05 20.96 -3.16
C GLN C 121 -49.29 21.15 -4.04
N ASP C 122 -49.04 21.15 -5.35
CA ASP C 122 -50.06 21.37 -6.37
C ASP C 122 -49.94 20.29 -7.47
N GLU C 123 -50.97 19.45 -7.60
CA GLU C 123 -50.94 18.40 -8.62
C GLU C 123 -50.71 19.03 -10.00
N ALA C 124 -51.35 20.17 -10.27
CA ALA C 124 -51.25 20.82 -11.58
C ALA C 124 -49.87 21.45 -11.86
N GLN C 125 -49.29 22.08 -10.87
CA GLN C 125 -47.99 22.71 -11.06
C GLN C 125 -46.90 21.64 -11.27
N ILE C 126 -47.02 20.53 -10.53
CA ILE C 126 -46.19 19.36 -10.71
C ILE C 126 -46.30 18.81 -12.15
N ALA C 127 -47.53 18.58 -12.58
CA ALA C 127 -47.80 18.10 -13.92
C ALA C 127 -47.12 18.97 -14.96
N ALA C 128 -47.32 20.27 -14.86
CA ALA C 128 -46.65 21.26 -15.72
C ALA C 128 -45.12 21.17 -15.66
N TRP C 129 -44.55 21.02 -14.46
CA TRP C 129 -43.09 20.89 -14.36
C TRP C 129 -42.63 19.64 -15.08
N LEU C 130 -43.31 18.53 -14.81
CA LEU C 130 -42.92 17.25 -15.36
C LEU C 130 -42.99 17.25 -16.87
N ALA C 131 -44.02 17.92 -17.41
CA ALA C 131 -44.24 17.97 -18.85
C ALA C 131 -43.10 18.69 -19.56
N VAL C 132 -42.51 19.65 -18.88
CA VAL C 132 -41.40 20.39 -19.40
C VAL C 132 -40.05 19.80 -19.04
N ASN C 133 -39.90 19.46 -17.75
CA ASN C 133 -38.59 19.24 -17.19
C ASN C 133 -38.26 17.77 -16.88
N GLY C 134 -39.30 16.94 -16.88
CA GLY C 134 -39.11 15.51 -16.77
C GLY C 134 -39.58 14.88 -15.49
N PRO C 135 -39.40 13.56 -15.35
CA PRO C 135 -39.84 12.76 -14.20
C PRO C 135 -39.49 13.37 -12.87
N VAL C 136 -40.45 13.30 -11.96
CA VAL C 136 -40.38 13.91 -10.64
C VAL C 136 -40.40 12.82 -9.56
N ALA C 137 -39.54 12.92 -8.54
CA ALA C 137 -39.59 11.98 -7.42
C ALA C 137 -40.64 12.47 -6.48
N VAL C 138 -41.55 11.58 -6.10
CA VAL C 138 -42.61 11.96 -5.17
C VAL C 138 -42.82 10.88 -4.12
N ALA C 139 -43.31 11.29 -2.95
CA ALA C 139 -43.59 10.29 -1.93
C ALA C 139 -45.08 10.04 -1.82
N VAL C 140 -45.43 8.78 -1.52
CA VAL C 140 -46.84 8.39 -1.41
C VAL C 140 -47.18 7.42 -0.28
N ASP C 141 -48.48 7.19 -0.10
CA ASP C 141 -48.97 6.21 0.84
C ASP C 141 -49.35 4.95 0.09
N ALA C 142 -48.40 4.02 0.01
CA ALA C 142 -48.60 2.75 -0.70
C ALA C 142 -49.20 1.69 0.20
N SER C 143 -50.15 2.09 1.04
CA SER C 143 -50.83 1.13 1.90
C SER C 143 -51.62 0.19 1.02
N SER C 144 -52.36 0.76 0.08
CA SER C 144 -53.29 -0.01 -0.73
C SER C 144 -52.64 -0.59 -1.97
N TRP C 145 -51.32 -0.65 -1.99
CA TRP C 145 -50.60 -0.99 -3.21
C TRP C 145 -50.30 -2.48 -3.39
N MET C 146 -50.38 -3.26 -2.34
CA MET C 146 -50.17 -4.70 -2.49
C MET C 146 -51.30 -5.33 -3.32
N THR C 147 -52.52 -4.85 -3.10
CA THR C 147 -53.73 -5.38 -3.76
C THR C 147 -53.81 -5.00 -5.25
N TYR C 148 -52.82 -4.26 -5.72
CA TYR C 148 -52.89 -3.66 -7.04
C TYR C 148 -52.62 -4.68 -8.14
N THR C 149 -53.58 -4.81 -9.05
CA THR C 149 -53.51 -5.77 -10.13
C THR C 149 -53.22 -5.01 -11.41
N GLY C 150 -53.78 -3.81 -11.49
CA GLY C 150 -53.63 -2.93 -12.64
C GLY C 150 -54.84 -2.02 -12.70
N GLY C 151 -54.81 -1.04 -13.59
CA GLY C 151 -55.93 -0.14 -13.72
C GLY C 151 -55.72 1.15 -12.95
N VAL C 152 -56.64 2.09 -13.11
CA VAL C 152 -56.55 3.39 -12.43
C VAL C 152 -57.09 3.33 -11.00
N MET C 153 -56.20 3.53 -10.03
CA MET C 153 -56.55 3.49 -8.62
C MET C 153 -57.29 4.75 -8.20
N THR C 154 -58.42 4.57 -7.49
CA THR C 154 -59.28 5.67 -7.07
C THR C 154 -59.64 5.58 -5.59
N SER C 155 -59.36 4.42 -5.02
CA SER C 155 -59.65 4.14 -3.62
C SER C 155 -58.32 3.93 -2.95
N CYS C 156 -57.46 4.93 -3.04
CA CYS C 156 -56.14 4.84 -2.43
C CYS C 156 -56.16 5.35 -1.01
N VAL C 157 -55.63 4.55 -0.10
CA VAL C 157 -55.43 4.98 1.28
C VAL C 157 -54.45 6.16 1.28
N SER C 158 -54.93 7.33 1.71
CA SER C 158 -54.15 8.56 1.55
C SER C 158 -53.86 9.22 2.89
N GLU C 159 -53.11 8.54 3.74
CA GLU C 159 -52.91 9.03 5.11
C GLU C 159 -51.47 9.08 5.63
N GLN C 160 -50.62 8.18 5.17
CA GLN C 160 -49.28 8.15 5.76
C GLN C 160 -48.25 7.96 4.66
N LEU C 161 -47.30 8.88 4.53
CA LEU C 161 -46.25 8.72 3.51
C LEU C 161 -45.26 7.62 3.85
N ASP C 162 -45.37 6.47 3.19
CA ASP C 162 -44.45 5.39 3.49
C ASP C 162 -43.59 4.95 2.29
N HIS C 163 -43.91 5.43 1.09
CA HIS C 163 -43.21 4.92 -0.07
C HIS C 163 -42.67 6.01 -0.99
N GLY C 164 -41.48 5.78 -1.54
CA GLY C 164 -40.89 6.71 -2.50
C GLY C 164 -40.83 6.16 -3.92
N VAL C 165 -41.45 6.90 -4.85
CA VAL C 165 -41.62 6.43 -6.22
C VAL C 165 -41.33 7.54 -7.22
N LEU C 166 -41.54 7.27 -8.50
CA LEU C 166 -41.19 8.20 -9.57
C LEU C 166 -42.32 8.47 -10.56
N LEU C 167 -42.74 9.72 -10.64
CA LEU C 167 -43.72 10.12 -11.64
C LEU C 167 -43.06 10.15 -13.01
N VAL C 168 -43.61 9.42 -13.98
CA VAL C 168 -43.03 9.47 -15.32
C VAL C 168 -43.97 10.10 -16.32
N GLY C 169 -45.21 10.34 -15.95
CA GLY C 169 -46.12 11.05 -16.82
C GLY C 169 -47.59 11.00 -16.45
N TYR C 170 -48.38 11.79 -17.15
CA TYR C 170 -49.78 11.93 -16.81
C TYR C 170 -50.65 11.85 -18.05
N ASN C 171 -51.96 11.87 -17.82
CA ASN C 171 -52.93 11.73 -18.90
C ASN C 171 -54.28 12.37 -18.54
N ASP C 172 -54.54 13.57 -19.06
CA ASP C 172 -55.81 14.26 -18.83
C ASP C 172 -56.87 14.00 -19.92
N SER C 173 -56.46 13.37 -21.02
CA SER C 173 -57.38 13.12 -22.12
C SER C 173 -58.31 12.03 -21.65
N ALA C 174 -57.81 11.20 -20.75
CA ALA C 174 -58.55 10.05 -20.26
C ALA C 174 -59.84 10.46 -19.60
N ALA C 175 -60.79 9.53 -19.56
CA ALA C 175 -62.06 9.78 -18.88
C ALA C 175 -61.76 10.10 -17.42
N VAL C 176 -60.96 9.24 -16.79
CA VAL C 176 -60.43 9.49 -15.46
C VAL C 176 -58.94 9.71 -15.56
N PRO C 177 -58.53 10.98 -15.50
CA PRO C 177 -57.12 11.37 -15.56
C PRO C 177 -56.27 10.72 -14.48
N TYR C 178 -55.03 10.37 -14.85
CA TYR C 178 -54.13 9.64 -13.98
C TYR C 178 -52.65 10.01 -14.10
N TRP C 179 -51.90 9.75 -13.03
CA TRP C 179 -50.46 9.86 -13.05
C TRP C 179 -49.92 8.50 -13.48
N ILE C 180 -48.79 8.51 -14.17
CA ILE C 180 -48.09 7.28 -14.48
C ILE C 180 -46.91 7.23 -13.54
N ILE C 181 -46.89 6.21 -12.69
CA ILE C 181 -45.89 6.14 -11.63
C ILE C 181 -45.05 4.89 -11.74
N LYS C 182 -43.72 5.07 -11.77
CA LYS C 182 -42.76 3.97 -11.83
C LYS C 182 -42.45 3.44 -10.44
N ASN C 183 -42.53 2.12 -10.27
CA ASN C 183 -42.30 1.53 -8.97
C ASN C 183 -41.18 0.48 -8.88
N SER C 184 -40.52 0.41 -7.72
CA SER C 184 -39.34 -0.44 -7.55
C SER C 184 -39.61 -1.81 -6.91
N TRP C 185 -40.72 -2.42 -7.31
CA TRP C 185 -41.09 -3.74 -6.83
C TRP C 185 -41.11 -4.68 -8.04
N THR C 186 -40.04 -4.64 -8.83
CA THR C 186 -39.90 -5.41 -10.07
C THR C 186 -41.04 -5.15 -11.04
N THR C 187 -41.08 -5.95 -12.11
CA THR C 187 -42.01 -5.71 -13.20
C THR C 187 -43.26 -6.56 -13.05
N GLN C 188 -43.23 -7.47 -12.07
CA GLN C 188 -44.34 -8.34 -11.77
C GLN C 188 -45.47 -7.59 -11.10
N TRP C 189 -45.11 -6.66 -10.23
CA TRP C 189 -46.10 -5.88 -9.52
C TRP C 189 -46.78 -4.89 -10.47
N GLY C 190 -48.11 -4.88 -10.43
CA GLY C 190 -48.90 -3.97 -11.23
C GLY C 190 -48.80 -4.18 -12.73
N GLU C 191 -48.74 -3.03 -13.42
CA GLU C 191 -48.66 -2.95 -14.88
C GLU C 191 -47.19 -2.90 -15.35
N GLU C 192 -46.53 -4.06 -15.40
CA GLU C 192 -45.15 -4.15 -15.86
C GLU C 192 -44.24 -3.26 -15.04
N GLY C 193 -44.59 -3.14 -13.76
CA GLY C 193 -43.85 -2.36 -12.80
C GLY C 193 -44.46 -1.01 -12.45
N TYR C 194 -45.34 -0.50 -13.31
CA TYR C 194 -45.85 0.84 -13.12
C TYR C 194 -47.27 0.83 -12.52
N ILE C 195 -47.80 2.01 -12.25
CA ILE C 195 -49.13 2.12 -11.65
C ILE C 195 -49.78 3.45 -11.98
N ARG C 196 -51.08 3.42 -12.24
CA ARG C 196 -51.83 4.63 -12.53
C ARG C 196 -52.75 4.99 -11.37
N ILE C 197 -52.57 6.19 -10.84
CA ILE C 197 -53.43 6.67 -9.77
C ILE C 197 -54.11 7.94 -10.25
N ALA C 198 -55.33 8.17 -9.78
CA ALA C 198 -56.12 9.26 -10.31
C ALA C 198 -55.44 10.60 -10.09
N LYS C 199 -55.36 11.40 -11.14
CA LYS C 199 -54.75 12.71 -11.04
C LYS C 199 -55.85 13.76 -10.79
N GLY C 200 -55.62 14.62 -9.79
CA GLY C 200 -56.59 15.64 -9.44
C GLY C 200 -57.11 15.52 -8.01
N SER C 201 -57.01 14.33 -7.42
CA SER C 201 -57.59 14.15 -6.09
C SER C 201 -56.53 13.83 -5.04
N ASN C 202 -55.27 14.08 -5.35
CA ASN C 202 -54.19 13.86 -4.39
C ASN C 202 -54.22 12.43 -3.81
N GLN C 203 -54.39 11.46 -4.73
CA GLN C 203 -54.38 10.03 -4.38
C GLN C 203 -53.05 9.67 -3.73
N CYS C 204 -53.11 8.77 -2.76
CA CYS C 204 -51.91 8.30 -2.06
C CYS C 204 -51.04 9.42 -1.46
N LEU C 205 -51.62 10.63 -1.35
CA LEU C 205 -50.90 11.82 -0.92
C LEU C 205 -49.75 12.15 -1.86
N VAL C 206 -49.99 12.10 -3.16
CA VAL C 206 -48.92 12.23 -4.13
C VAL C 206 -48.21 13.61 -4.16
N LYS C 207 -48.96 14.70 -4.04
CA LYS C 207 -48.36 16.06 -4.19
C LYS C 207 -47.55 16.58 -2.99
N GLU C 208 -47.49 15.81 -1.90
CA GLU C 208 -46.90 16.32 -0.65
C GLU C 208 -45.37 16.49 -0.69
N GLU C 209 -44.67 15.56 -1.34
CA GLU C 209 -43.20 15.59 -1.37
C GLU C 209 -42.63 15.45 -2.77
N ALA C 210 -42.82 16.48 -3.59
CA ALA C 210 -42.34 16.46 -4.97
C ALA C 210 -40.99 17.15 -5.07
N SER C 211 -40.03 16.48 -5.72
CA SER C 211 -38.70 17.04 -5.95
C SER C 211 -37.96 16.40 -7.12
N SER C 212 -36.94 17.08 -7.63
CA SER C 212 -36.10 16.56 -8.72
C SER C 212 -34.68 17.03 -8.60
N ALA C 213 -33.72 16.17 -8.94
CA ALA C 213 -32.33 16.59 -8.89
C ALA C 213 -32.12 17.60 -10.00
N VAL C 214 -30.99 18.28 -9.95
CA VAL C 214 -30.70 19.29 -10.94
C VAL C 214 -29.30 19.05 -11.50
N VAL C 215 -29.24 18.79 -12.79
CA VAL C 215 -27.98 18.58 -13.51
C VAL C 215 -27.43 19.92 -14.03
N GLY C 216 -26.11 20.08 -14.14
CA GLY C 216 -25.13 19.01 -14.05
C GLY C 216 -24.09 19.12 -15.16
N ALA D 2 1.41 -5.20 5.64
CA ALA D 2 2.38 -6.21 5.25
C ALA D 2 2.11 -6.67 3.83
N PRO D 3 3.18 -6.97 3.07
CA PRO D 3 3.05 -7.44 1.69
C PRO D 3 2.31 -8.77 1.60
N ALA D 4 1.89 -9.12 0.39
CA ALA D 4 1.14 -10.35 0.20
C ALA D 4 2.01 -11.55 0.48
N ALA D 5 3.27 -11.46 0.06
CA ALA D 5 4.24 -12.51 0.37
C ALA D 5 5.65 -11.97 0.55
N VAL D 6 6.39 -12.64 1.43
CA VAL D 6 7.77 -12.32 1.70
C VAL D 6 8.51 -13.63 1.77
N ASP D 7 9.69 -13.66 1.19
CA ASP D 7 10.55 -14.84 1.28
C ASP D 7 12.03 -14.45 1.31
N TRP D 8 12.63 -14.61 2.49
CA TRP D 8 13.98 -14.15 2.77
C TRP D 8 15.09 -14.95 2.07
N ARG D 9 14.74 -16.08 1.50
CA ARG D 9 15.71 -16.79 0.68
C ARG D 9 16.04 -16.01 -0.61
N ALA D 10 15.03 -15.33 -1.15
CA ALA D 10 15.16 -14.46 -2.32
C ALA D 10 15.99 -13.21 -2.01
N ARG D 11 16.05 -12.88 -0.73
CA ARG D 11 16.83 -11.73 -0.29
C ARG D 11 18.27 -12.07 0.14
N GLY D 12 18.68 -13.29 -0.20
CA GLY D 12 20.03 -13.80 0.01
C GLY D 12 20.37 -13.89 1.47
N ALA D 13 19.35 -14.21 2.27
CA ALA D 13 19.41 -14.07 3.72
C ALA D 13 19.26 -15.34 4.52
N VAL D 14 19.15 -16.49 3.86
CA VAL D 14 18.99 -17.72 4.60
C VAL D 14 20.06 -18.70 4.16
N THR D 15 20.73 -19.31 5.14
CA THR D 15 21.77 -20.29 4.86
C THR D 15 21.25 -21.60 4.30
N ALA D 16 22.19 -22.46 3.94
CA ALA D 16 21.84 -23.78 3.48
C ALA D 16 21.22 -24.59 4.61
N VAL D 17 20.28 -25.47 4.25
CA VAL D 17 19.66 -26.40 5.17
C VAL D 17 20.70 -27.25 5.88
N LYS D 18 20.52 -27.42 7.18
CA LYS D 18 21.51 -28.17 7.92
C LYS D 18 20.95 -29.52 8.35
N ASP D 19 21.79 -30.34 9.00
CA ASP D 19 21.34 -31.67 9.41
C ASP D 19 21.68 -31.93 10.87
N GLN D 20 20.63 -32.04 11.69
CA GLN D 20 20.79 -32.20 13.13
C GLN D 20 21.17 -33.61 13.56
N GLY D 21 20.94 -34.56 12.66
CA GLY D 21 21.26 -35.95 12.95
C GLY D 21 20.45 -36.47 14.11
N GLN D 22 21.08 -37.33 14.90
CA GLN D 22 20.44 -37.96 16.05
C GLN D 22 20.66 -37.11 17.32
N CYS D 23 19.85 -36.06 17.46
CA CYS D 23 19.96 -35.11 18.57
C CYS D 23 18.76 -34.21 18.65
N GLY D 24 18.29 -33.96 19.87
CA GLY D 24 17.10 -33.14 20.06
C GLY D 24 17.39 -31.66 19.90
N SER D 25 18.33 -31.34 19.01
CA SER D 25 18.84 -29.99 18.91
C SER D 25 18.00 -29.11 18.00
N SER D 26 16.71 -29.41 17.96
CA SER D 26 15.79 -28.59 17.18
C SER D 26 15.83 -27.16 17.66
N TRP D 27 16.36 -26.95 18.85
CA TRP D 27 16.34 -25.63 19.47
C TRP D 27 17.60 -24.90 19.11
N ALA D 28 18.73 -25.59 19.19
CA ALA D 28 20.00 -25.01 18.84
C ALA D 28 19.95 -24.58 17.37
N PHE D 29 19.42 -25.48 16.55
CA PHE D 29 19.26 -25.19 15.14
C PHE D 29 18.30 -24.06 14.86
N SER D 30 17.20 -24.01 15.60
CA SER D 30 16.21 -22.97 15.39
C SER D 30 16.78 -21.60 15.74
N ALA D 31 17.41 -21.50 16.89
CA ALA D 31 17.99 -20.25 17.36
C ALA D 31 19.13 -19.75 16.45
N ILE D 32 20.10 -20.62 16.15
CA ILE D 32 21.26 -20.20 15.37
C ILE D 32 20.88 -19.73 13.98
N GLY D 33 20.05 -20.51 13.31
CA GLY D 33 19.49 -20.11 12.03
C GLY D 33 18.95 -18.69 12.08
N ASN D 34 18.18 -18.40 13.13
CA ASN D 34 17.66 -17.05 13.34
C ASN D 34 18.75 -15.99 13.45
N VAL D 35 19.81 -16.31 14.17
CA VAL D 35 20.89 -15.35 14.34
C VAL D 35 21.60 -15.16 12.99
N GLU D 36 21.87 -16.26 12.29
CA GLU D 36 22.50 -16.22 10.97
C GLU D 36 21.89 -15.18 10.05
N CYS D 37 20.56 -15.17 9.98
CA CYS D 37 19.82 -14.25 9.14
C CYS D 37 19.89 -12.83 9.68
N GLN D 38 19.66 -12.70 10.98
CA GLN D 38 19.62 -11.39 11.63
C GLN D 38 20.92 -10.62 11.47
N TRP D 39 22.04 -11.35 11.49
CA TRP D 39 23.35 -10.76 11.28
C TRP D 39 23.49 -10.24 9.84
N PHE D 40 22.98 -11.00 8.86
CA PHE D 40 23.01 -10.53 7.46
C PHE D 40 22.16 -9.28 7.29
N LEU D 41 20.95 -9.32 7.83
CA LEU D 41 20.00 -8.21 7.77
C LEU D 41 20.52 -7.01 8.59
N ALA D 42 21.55 -7.25 9.39
CA ALA D 42 22.16 -6.15 10.10
C ALA D 42 23.07 -5.40 9.16
N GLY D 43 23.69 -6.12 8.23
CA GLY D 43 24.54 -5.49 7.23
C GLY D 43 25.83 -6.25 6.97
N HIS D 44 25.95 -7.39 7.64
CA HIS D 44 27.14 -8.20 7.61
C HIS D 44 26.89 -9.40 6.69
N PRO D 45 27.94 -10.12 6.33
CA PRO D 45 27.81 -11.33 5.52
C PRO D 45 26.94 -12.46 6.10
N LEU D 46 26.18 -13.14 5.22
CA LEU D 46 25.43 -14.32 5.61
C LEU D 46 26.49 -15.34 5.93
N THR D 47 26.66 -15.63 7.21
CA THR D 47 27.68 -16.56 7.68
C THR D 47 27.03 -17.80 8.24
N ASN D 48 27.57 -18.96 7.96
CA ASN D 48 27.07 -20.15 8.62
C ASN D 48 27.63 -20.16 10.05
N LEU D 49 26.73 -20.08 11.04
CA LEU D 49 27.08 -20.02 12.46
C LEU D 49 27.06 -21.39 13.14
N SER D 50 27.39 -21.43 14.42
CA SER D 50 27.58 -22.71 15.12
C SER D 50 26.40 -23.19 16.00
N GLU D 51 25.72 -24.24 15.56
CA GLU D 51 24.67 -24.85 16.39
C GLU D 51 25.28 -25.62 17.55
N GLN D 52 26.47 -26.16 17.34
CA GLN D 52 27.20 -26.94 18.34
C GLN D 52 27.58 -26.15 19.60
N MET D 53 27.85 -24.85 19.44
CA MET D 53 28.23 -24.00 20.56
C MET D 53 27.22 -24.08 21.70
N LEU D 54 25.94 -24.07 21.34
CA LEU D 54 24.86 -24.05 22.32
C LEU D 54 24.66 -25.43 22.92
N VAL D 55 24.78 -26.44 22.08
CA VAL D 55 24.59 -27.84 22.48
C VAL D 55 25.62 -28.22 23.54
N SER D 56 26.86 -27.80 23.31
CA SER D 56 27.94 -28.12 24.22
C SER D 56 28.00 -27.18 25.42
N CYS D 57 27.82 -25.88 25.18
CA CYS D 57 28.13 -24.88 26.21
C CYS D 57 26.93 -24.27 26.97
N ASP D 58 25.79 -24.13 26.31
CA ASP D 58 24.63 -23.55 26.97
C ASP D 58 24.10 -24.56 27.97
N LYS D 59 24.35 -24.29 29.24
CA LYS D 59 24.05 -25.21 30.32
C LYS D 59 22.62 -25.03 30.82
N THR D 60 22.08 -23.84 30.60
CA THR D 60 20.67 -23.56 30.87
C THR D 60 19.81 -24.59 30.16
N ASP D 61 20.19 -24.95 28.93
CA ASP D 61 19.51 -26.03 28.21
C ASP D 61 20.25 -27.36 28.42
N SER D 62 20.01 -28.35 27.55
CA SER D 62 20.68 -29.63 27.73
C SER D 62 21.01 -30.35 26.42
N GLY D 63 22.03 -29.85 25.74
CA GLY D 63 22.71 -30.53 24.65
C GLY D 63 21.88 -31.34 23.68
N CYS D 64 21.86 -32.65 23.90
CA CYS D 64 21.24 -33.58 22.96
C CYS D 64 19.87 -33.94 23.50
N SER D 65 19.80 -34.02 24.82
CA SER D 65 18.56 -34.32 25.52
C SER D 65 17.50 -33.23 25.40
N GLY D 66 17.77 -32.14 24.66
CA GLY D 66 16.78 -31.11 24.47
C GLY D 66 17.22 -29.70 24.83
N GLY D 67 16.45 -28.69 24.42
CA GLY D 67 16.75 -27.31 24.79
C GLY D 67 15.63 -26.36 24.42
N LEU D 68 15.83 -25.06 24.67
CA LEU D 68 14.82 -24.03 24.41
C LEU D 68 15.42 -22.75 23.84
N MET D 69 14.84 -22.22 22.75
CA MET D 69 15.45 -21.08 22.08
C MET D 69 15.66 -19.86 22.94
N ASN D 70 14.65 -19.47 23.72
CA ASN D 70 14.83 -18.27 24.53
C ASN D 70 15.96 -18.44 25.52
N ASN D 71 16.14 -19.67 25.97
CA ASN D 71 17.20 -19.93 26.90
C ASN D 71 18.51 -19.75 26.18
N ALA D 72 18.54 -20.21 24.93
CA ALA D 72 19.71 -20.06 24.07
C ALA D 72 20.05 -18.59 23.86
N PHE D 73 19.07 -17.81 23.44
CA PHE D 73 19.27 -16.37 23.26
C PHE D 73 19.73 -15.69 24.56
N GLU D 74 19.17 -16.13 25.68
CA GLU D 74 19.46 -15.52 26.97
C GLU D 74 20.83 -15.93 27.46
N TRP D 75 21.16 -17.20 27.22
CA TRP D 75 22.46 -17.71 27.59
C TRP D 75 23.53 -16.93 26.85
N ILE D 76 23.36 -16.78 25.54
CA ILE D 76 24.33 -16.10 24.71
C ILE D 76 24.64 -14.68 25.21
N VAL D 77 23.57 -13.96 25.54
CA VAL D 77 23.67 -12.57 25.92
C VAL D 77 24.35 -12.46 27.27
N GLN D 78 23.94 -13.33 28.20
CA GLN D 78 24.35 -13.17 29.59
C GLN D 78 25.55 -13.99 30.01
N GLU D 79 25.61 -15.21 29.49
CA GLU D 79 26.69 -16.11 29.86
C GLU D 79 27.84 -16.03 28.88
N ASN D 80 27.52 -15.80 27.61
CA ASN D 80 28.57 -15.77 26.59
C ASN D 80 28.91 -14.38 26.04
N ASN D 81 28.58 -13.34 26.80
CA ASN D 81 28.97 -11.98 26.43
C ASN D 81 28.51 -11.58 25.01
N GLY D 82 27.47 -12.26 24.52
CA GLY D 82 26.86 -11.92 23.26
C GLY D 82 27.37 -12.67 22.03
N ALA D 83 28.46 -13.42 22.20
CA ALA D 83 29.11 -14.04 21.04
C ALA D 83 28.37 -15.30 20.61
N VAL D 84 28.21 -15.40 19.29
CA VAL D 84 27.86 -16.63 18.58
C VAL D 84 29.03 -16.94 17.65
N TYR D 85 29.58 -18.16 17.77
CA TYR D 85 30.76 -18.55 16.98
C TYR D 85 30.45 -18.96 15.50
N THR D 86 31.45 -18.89 14.62
CA THR D 86 31.28 -19.40 13.26
C THR D 86 31.26 -20.90 13.36
N GLU D 87 30.85 -21.55 12.28
CA GLU D 87 30.86 -23.01 12.22
C GLU D 87 32.26 -23.63 11.99
N ASP D 88 33.12 -22.95 11.25
CA ASP D 88 34.47 -23.47 11.02
C ASP D 88 35.25 -23.60 12.31
N SER D 89 34.90 -22.74 13.25
CA SER D 89 35.58 -22.70 14.53
C SER D 89 34.88 -23.57 15.57
N TYR D 90 33.62 -23.93 15.33
CA TYR D 90 32.89 -24.82 16.23
C TYR D 90 31.85 -25.70 15.49
N PRO D 91 32.33 -26.80 14.86
CA PRO D 91 31.53 -27.66 13.99
C PRO D 91 30.56 -28.56 14.75
N TYR D 92 29.51 -29.05 14.06
CA TYR D 92 28.51 -29.93 14.66
C TYR D 92 29.11 -31.29 14.93
N ALA D 93 28.84 -31.85 16.10
CA ALA D 93 29.38 -33.16 16.45
C ALA D 93 28.28 -34.11 16.90
N SER D 94 27.23 -33.57 17.49
CA SER D 94 26.16 -34.40 18.07
C SER D 94 25.28 -35.04 16.99
N GLY D 95 25.83 -35.13 15.79
CA GLY D 95 25.12 -35.71 14.66
C GLY D 95 24.72 -37.12 15.02
N GLU D 96 25.56 -37.79 15.81
CA GLU D 96 25.26 -39.17 16.17
C GLU D 96 24.66 -39.32 17.58
N GLY D 97 24.66 -38.27 18.38
CA GLY D 97 24.10 -38.39 19.71
C GLY D 97 25.12 -38.09 20.79
N ILE D 98 26.40 -38.09 20.41
CA ILE D 98 27.49 -37.75 21.30
C ILE D 98 27.70 -36.24 21.33
N SER D 99 27.44 -35.61 22.48
CA SER D 99 27.55 -34.16 22.59
C SER D 99 28.81 -33.77 23.37
N PRO D 100 29.86 -33.32 22.66
CA PRO D 100 31.18 -32.94 23.19
C PRO D 100 31.17 -31.97 24.37
N PRO D 101 32.35 -31.76 24.96
CA PRO D 101 32.43 -30.75 26.02
C PRO D 101 32.60 -29.34 25.48
N CYS D 102 32.44 -28.36 26.36
CA CYS D 102 32.65 -26.97 25.99
C CYS D 102 34.12 -26.66 25.74
N THR D 103 34.39 -25.59 25.00
CA THR D 103 35.75 -25.12 24.79
C THR D 103 35.79 -23.58 24.76
N THR D 104 37.00 -23.01 24.88
CA THR D 104 37.20 -21.61 24.55
C THR D 104 38.58 -21.42 23.92
N SER D 105 38.96 -22.41 23.13
CA SER D 105 40.22 -22.40 22.42
C SER D 105 40.20 -21.42 21.24
N GLY D 106 39.93 -20.15 21.51
CA GLY D 106 40.00 -19.12 20.49
C GLY D 106 39.12 -19.39 19.28
N HIS D 107 37.82 -19.47 19.51
CA HIS D 107 36.93 -19.67 18.38
C HIS D 107 36.72 -18.33 17.75
N THR D 108 36.18 -18.36 16.53
CA THR D 108 35.93 -17.12 15.82
C THR D 108 34.48 -16.71 15.98
N VAL D 109 34.26 -15.44 16.26
CA VAL D 109 32.93 -14.87 16.44
C VAL D 109 32.19 -14.50 15.13
N GLY D 110 31.23 -15.31 14.75
CA GLY D 110 30.52 -15.07 13.51
C GLY D 110 29.54 -13.95 13.63
N ALA D 111 29.02 -13.77 14.84
CA ALA D 111 28.01 -12.76 15.05
C ALA D 111 27.93 -12.39 16.53
N THR D 112 27.46 -11.16 16.81
CA THR D 112 27.35 -10.63 18.17
C THR D 112 25.94 -10.07 18.46
N ILE D 113 25.15 -10.79 19.25
CA ILE D 113 23.83 -10.30 19.67
C ILE D 113 23.82 -9.59 21.03
N THR D 114 22.76 -8.83 21.28
CA THR D 114 22.67 -8.03 22.49
C THR D 114 21.37 -8.30 23.23
N GLY D 115 20.51 -9.12 22.66
CA GLY D 115 19.26 -9.43 23.32
C GLY D 115 18.40 -10.35 22.51
N HIS D 116 17.12 -10.36 22.79
CA HIS D 116 16.14 -11.07 21.99
C HIS D 116 14.77 -10.55 22.35
N VAL D 117 13.80 -10.82 21.50
CA VAL D 117 12.43 -10.40 21.78
C VAL D 117 11.51 -11.60 21.64
N GLU D 118 10.43 -11.61 22.39
CA GLU D 118 9.37 -12.58 22.19
C GLU D 118 8.30 -11.91 21.34
N LEU D 119 7.66 -12.69 20.47
CA LEU D 119 6.53 -12.18 19.70
C LEU D 119 5.23 -12.72 20.27
N PRO D 120 4.14 -11.98 20.04
CA PRO D 120 2.75 -12.33 20.39
C PRO D 120 2.31 -13.73 19.91
N GLN D 121 1.20 -14.25 20.45
CA GLN D 121 0.61 -15.50 19.96
C GLN D 121 -0.45 -15.19 18.89
N ASP D 122 -0.07 -14.33 17.94
CA ASP D 122 -0.93 -13.86 16.84
C ASP D 122 -0.17 -14.02 15.53
N GLU D 123 -0.66 -14.91 14.68
CA GLU D 123 -0.05 -15.17 13.39
C GLU D 123 0.07 -13.88 12.59
N ALA D 124 -0.96 -13.04 12.72
CA ALA D 124 -1.04 -11.79 11.96
C ALA D 124 0.08 -10.88 12.39
N GLN D 125 0.30 -10.83 13.71
CA GLN D 125 1.34 -10.00 14.30
C GLN D 125 2.77 -10.51 14.08
N ILE D 126 2.95 -11.84 14.11
CA ILE D 126 4.23 -12.46 13.77
C ILE D 126 4.69 -12.11 12.34
N ALA D 127 3.77 -12.31 11.40
CA ALA D 127 3.99 -12.02 10.00
C ALA D 127 4.45 -10.57 9.76
N ALA D 128 3.76 -9.63 10.39
CA ALA D 128 4.13 -8.23 10.33
C ALA D 128 5.60 -7.99 10.72
N TRP D 129 6.02 -8.59 11.83
CA TRP D 129 7.39 -8.47 12.28
C TRP D 129 8.33 -9.12 11.28
N LEU D 130 7.96 -10.33 10.86
CA LEU D 130 8.80 -11.12 9.96
C LEU D 130 9.06 -10.38 8.66
N ALA D 131 8.04 -9.69 8.18
CA ALA D 131 8.14 -8.98 6.91
C ALA D 131 9.15 -7.83 6.97
N VAL D 132 9.30 -7.23 8.13
CA VAL D 132 10.24 -6.12 8.30
C VAL D 132 11.64 -6.59 8.72
N ASN D 133 11.69 -7.53 9.66
CA ASN D 133 12.93 -7.76 10.36
C ASN D 133 13.59 -9.13 10.18
N GLY D 134 12.91 -10.02 9.48
CA GLY D 134 13.50 -11.27 9.09
C GLY D 134 12.94 -12.51 9.75
N PRO D 135 13.53 -13.66 9.40
CA PRO D 135 13.22 -15.00 9.90
C PRO D 135 13.07 -15.06 11.41
N VAL D 136 12.06 -15.79 11.87
CA VAL D 136 11.75 -15.89 13.28
C VAL D 136 11.89 -17.33 13.80
N ALA D 137 12.45 -17.53 14.99
CA ALA D 137 12.53 -18.88 15.56
C ALA D 137 11.20 -19.21 16.24
N VAL D 138 10.59 -20.32 15.86
CA VAL D 138 9.30 -20.66 16.43
C VAL D 138 9.28 -22.12 16.81
N ALA D 139 8.42 -22.45 17.77
CA ALA D 139 8.26 -23.85 18.19
C ALA D 139 6.95 -24.42 17.68
N VAL D 140 7.01 -25.71 17.31
CA VAL D 140 5.86 -26.40 16.70
C VAL D 140 5.69 -27.84 17.16
N ASP D 141 4.61 -28.46 16.68
CA ASP D 141 4.33 -29.86 16.96
C ASP D 141 4.67 -30.70 15.71
N ALA D 142 5.90 -31.19 15.64
CA ALA D 142 6.34 -31.95 14.47
C ALA D 142 6.09 -33.46 14.58
N SER D 143 4.93 -33.85 15.13
CA SER D 143 4.54 -35.24 15.13
C SER D 143 4.22 -35.67 13.72
N SER D 144 3.46 -34.85 13.01
CA SER D 144 2.99 -35.25 11.68
C SER D 144 3.99 -34.90 10.58
N TRP D 145 5.26 -34.73 10.96
CA TRP D 145 6.27 -34.27 10.01
C TRP D 145 7.18 -35.29 9.28
N MET D 146 7.31 -36.51 9.79
CA MET D 146 8.22 -37.49 9.17
C MET D 146 7.75 -37.96 7.77
N THR D 147 6.44 -38.18 7.64
CA THR D 147 5.84 -38.67 6.41
C THR D 147 5.78 -37.61 5.33
N TYR D 148 6.28 -36.43 5.66
CA TYR D 148 6.14 -35.24 4.82
C TYR D 148 6.97 -35.32 3.54
N THR D 149 6.28 -35.17 2.41
CA THR D 149 6.88 -35.28 1.10
C THR D 149 6.93 -33.92 0.39
N GLY D 150 5.94 -33.08 0.69
CA GLY D 150 5.83 -31.77 0.09
C GLY D 150 4.39 -31.30 0.08
N GLY D 151 4.18 -30.05 -0.34
CA GLY D 151 2.86 -29.43 -0.45
C GLY D 151 2.52 -28.57 0.77
N VAL D 152 1.42 -27.82 0.71
CA VAL D 152 0.98 -27.05 1.86
C VAL D 152 0.22 -27.96 2.81
N MET D 153 0.81 -28.19 3.98
CA MET D 153 0.26 -29.07 5.00
C MET D 153 -0.92 -28.38 5.68
N THR D 154 -2.01 -29.12 5.82
CA THR D 154 -3.27 -28.56 6.29
C THR D 154 -3.85 -29.43 7.41
N SER D 155 -3.29 -30.62 7.55
CA SER D 155 -3.74 -31.60 8.53
C SER D 155 -2.63 -31.83 9.51
N CYS D 156 -2.18 -30.78 10.18
CA CYS D 156 -1.07 -30.91 11.11
C CYS D 156 -1.49 -31.26 12.54
N VAL D 157 -0.86 -32.30 13.10
CA VAL D 157 -1.06 -32.67 14.50
C VAL D 157 -0.63 -31.47 15.32
N SER D 158 -1.60 -30.81 15.97
CA SER D 158 -1.34 -29.53 16.62
C SER D 158 -1.74 -29.60 18.08
N GLU D 159 -0.97 -30.34 18.88
CA GLU D 159 -1.38 -30.61 20.25
C GLU D 159 -0.32 -30.28 21.31
N GLN D 160 0.92 -30.69 21.07
CA GLN D 160 2.00 -30.44 22.06
C GLN D 160 3.33 -30.09 21.39
N LEU D 161 3.93 -28.99 21.86
CA LEU D 161 5.19 -28.46 21.32
C LEU D 161 6.47 -29.32 21.51
N ASP D 162 7.03 -29.83 20.40
CA ASP D 162 8.27 -30.64 20.44
C ASP D 162 9.47 -30.23 19.56
N HIS D 163 9.25 -29.35 18.57
CA HIS D 163 10.29 -29.09 17.55
C HIS D 163 10.58 -27.62 17.34
N GLY D 164 11.86 -27.30 17.15
CA GLY D 164 12.30 -25.94 16.87
C GLY D 164 12.71 -25.74 15.41
N VAL D 165 12.09 -24.75 14.78
CA VAL D 165 12.28 -24.47 13.36
C VAL D 165 12.39 -22.97 13.10
N LEU D 166 12.42 -22.58 11.83
CA LEU D 166 12.59 -21.18 11.50
C LEU D 166 11.61 -20.71 10.45
N LEU D 167 10.72 -19.78 10.82
CA LEU D 167 9.82 -19.19 9.82
C LEU D 167 10.65 -18.30 8.91
N VAL D 168 10.67 -18.59 7.61
CA VAL D 168 11.46 -17.77 6.69
C VAL D 168 10.62 -16.99 5.68
N GLY D 169 9.32 -17.19 5.75
CA GLY D 169 8.43 -16.37 4.95
C GLY D 169 7.00 -16.86 4.86
N TYR D 170 6.16 -16.03 4.27
CA TYR D 170 4.77 -16.37 4.16
C TYR D 170 4.27 -16.04 2.74
N ASN D 171 3.03 -16.42 2.47
CA ASN D 171 2.38 -16.21 1.19
C ASN D 171 0.86 -16.18 1.42
N ASP D 172 0.29 -14.98 1.48
CA ASP D 172 -1.15 -14.81 1.70
C ASP D 172 -1.98 -14.81 0.41
N SER D 173 -1.26 -14.73 -0.71
CA SER D 173 -1.83 -14.63 -2.04
C SER D 173 -2.26 -16.02 -2.52
N ALA D 174 -1.61 -17.02 -1.96
CA ALA D 174 -1.87 -18.41 -2.30
C ALA D 174 -3.31 -18.84 -2.06
N ALA D 175 -3.71 -19.89 -2.76
CA ALA D 175 -5.03 -20.47 -2.62
C ALA D 175 -5.22 -20.85 -1.17
N VAL D 176 -4.24 -21.55 -0.63
CA VAL D 176 -4.19 -21.79 0.80
C VAL D 176 -2.96 -21.03 1.29
N PRO D 177 -3.18 -19.89 1.97
CA PRO D 177 -2.08 -19.09 2.50
C PRO D 177 -1.19 -19.91 3.42
N TYR D 178 0.13 -19.71 3.32
CA TYR D 178 1.06 -20.56 4.06
C TYR D 178 2.33 -19.87 4.57
N TRP D 179 2.87 -20.42 5.66
CA TRP D 179 4.16 -20.04 6.19
C TRP D 179 5.20 -20.90 5.55
N ILE D 180 6.38 -20.36 5.28
CA ILE D 180 7.50 -21.16 4.80
C ILE D 180 8.48 -21.41 5.94
N ILE D 181 8.74 -22.69 6.18
CA ILE D 181 9.52 -23.06 7.35
C ILE D 181 10.78 -23.85 7.00
N LYS D 182 11.91 -23.38 7.49
CA LYS D 182 13.18 -24.07 7.31
C LYS D 182 13.39 -25.08 8.42
N ASN D 183 13.75 -26.31 8.08
CA ASN D 183 13.98 -27.37 9.06
C ASN D 183 15.42 -27.90 9.01
N SER D 184 15.85 -28.57 10.08
CA SER D 184 17.22 -29.09 10.17
C SER D 184 17.34 -30.60 9.88
N TRP D 185 16.54 -31.11 8.94
CA TRP D 185 16.52 -32.54 8.64
C TRP D 185 16.98 -32.78 7.20
N THR D 186 18.07 -32.14 6.82
CA THR D 186 18.58 -32.16 5.45
C THR D 186 17.58 -31.74 4.39
N THR D 187 18.02 -31.93 3.16
CA THR D 187 17.33 -31.47 1.98
C THR D 187 16.53 -32.57 1.30
N GLN D 188 16.68 -33.80 1.75
CA GLN D 188 15.87 -34.89 1.24
C GLN D 188 14.44 -34.76 1.79
N TRP D 189 14.33 -34.34 3.05
CA TRP D 189 13.02 -34.17 3.69
C TRP D 189 12.26 -32.97 3.18
N GLY D 190 11.01 -33.21 2.83
CA GLY D 190 10.11 -32.16 2.40
C GLY D 190 10.51 -31.45 1.13
N GLU D 191 10.21 -30.16 1.07
CA GLU D 191 10.47 -29.38 -0.13
C GLU D 191 11.88 -28.82 -0.07
N GLU D 192 12.84 -29.69 -0.39
CA GLU D 192 14.25 -29.35 -0.38
C GLU D 192 14.71 -28.94 1.01
N GLY D 193 14.15 -29.58 2.03
CA GLY D 193 14.50 -29.27 3.41
C GLY D 193 13.46 -28.41 4.12
N TYR D 194 12.61 -27.76 3.33
CA TYR D 194 11.60 -26.84 3.82
C TYR D 194 10.20 -27.46 3.84
N ILE D 195 9.23 -26.70 4.35
CA ILE D 195 7.85 -27.13 4.46
C ILE D 195 6.92 -25.92 4.50
N ARG D 196 5.79 -26.00 3.79
CA ARG D 196 4.80 -24.93 3.76
C ARG D 196 3.58 -25.40 4.55
N ILE D 197 3.19 -24.63 5.57
CA ILE D 197 1.99 -24.98 6.32
C ILE D 197 1.05 -23.78 6.30
N ALA D 198 -0.25 -24.04 6.38
CA ALA D 198 -1.25 -22.99 6.24
C ALA D 198 -1.11 -21.91 7.30
N LYS D 199 -1.16 -20.67 6.83
CA LYS D 199 -1.08 -19.52 7.71
C LYS D 199 -2.50 -19.02 8.04
N GLY D 200 -2.74 -18.73 9.31
CA GLY D 200 -4.00 -18.14 9.74
C GLY D 200 -4.74 -19.01 10.74
N SER D 201 -4.43 -20.30 10.74
CA SER D 201 -5.15 -21.26 11.56
C SER D 201 -4.30 -21.96 12.62
N ASN D 202 -3.16 -21.37 12.95
CA ASN D 202 -2.28 -21.93 13.99
C ASN D 202 -1.99 -23.40 13.76
N GLN D 203 -1.65 -23.70 12.49
CA GLN D 203 -1.20 -25.03 12.12
C GLN D 203 0.03 -25.40 12.94
N CYS D 204 0.08 -26.65 13.35
CA CYS D 204 1.20 -27.18 14.13
C CYS D 204 1.54 -26.43 15.43
N LEU D 205 0.63 -25.59 15.93
CA LEU D 205 0.93 -24.72 17.09
C LEU D 205 2.05 -23.74 16.74
N VAL D 206 1.98 -23.17 15.54
CA VAL D 206 3.05 -22.33 15.01
C VAL D 206 3.28 -21.05 15.80
N LYS D 207 2.18 -20.39 16.18
CA LYS D 207 2.21 -19.10 16.85
C LYS D 207 2.51 -19.15 18.37
N GLU D 208 2.76 -20.32 18.95
CA GLU D 208 2.89 -20.37 20.42
C GLU D 208 4.18 -19.76 21.00
N GLU D 209 5.34 -20.09 20.43
CA GLU D 209 6.59 -19.58 21.02
C GLU D 209 7.51 -18.93 20.01
N ALA D 210 7.10 -17.79 19.48
CA ALA D 210 7.88 -17.12 18.46
C ALA D 210 8.79 -16.03 19.06
N SER D 211 10.06 -16.05 18.67
CA SER D 211 11.04 -15.08 19.14
C SER D 211 12.16 -14.90 18.12
N SER D 212 12.92 -13.82 18.26
CA SER D 212 14.01 -13.51 17.35
C SER D 212 15.14 -12.87 18.11
N ALA D 213 16.37 -13.24 17.80
CA ALA D 213 17.53 -12.61 18.44
C ALA D 213 17.64 -11.18 17.94
N VAL D 214 18.48 -10.40 18.62
CA VAL D 214 18.67 -8.99 18.29
C VAL D 214 20.14 -8.58 18.19
N VAL D 215 20.54 -8.03 17.05
CA VAL D 215 21.92 -7.58 16.87
C VAL D 215 22.18 -6.15 17.34
N GLY D 216 23.38 -5.92 17.87
CA GLY D 216 23.82 -4.58 18.19
C GLY D 216 24.73 -3.99 17.12
N ALA E 2 17.09 -34.09 -15.27
CA ALA E 2 16.99 -32.85 -14.50
C ALA E 2 15.73 -32.83 -13.64
N PRO E 3 15.83 -32.23 -12.44
CA PRO E 3 14.73 -32.05 -11.49
C PRO E 3 13.60 -31.24 -12.11
N ALA E 4 12.45 -31.24 -11.47
CA ALA E 4 11.31 -30.50 -12.01
C ALA E 4 11.56 -29.00 -11.94
N ALA E 5 12.19 -28.57 -10.85
CA ALA E 5 12.52 -27.15 -10.69
C ALA E 5 13.76 -26.99 -9.84
N VAL E 6 14.42 -25.86 -10.01
CA VAL E 6 15.57 -25.53 -9.20
C VAL E 6 15.47 -24.07 -8.82
N ASP E 7 15.90 -23.73 -7.61
CA ASP E 7 16.05 -22.32 -7.24
C ASP E 7 17.26 -22.26 -6.32
N TRP E 8 18.37 -21.73 -6.82
CA TRP E 8 19.62 -21.75 -6.04
C TRP E 8 19.60 -20.75 -4.91
N ARG E 9 18.61 -19.88 -4.89
CA ARG E 9 18.46 -18.96 -3.77
C ARG E 9 18.13 -19.74 -2.49
N ALA E 10 17.32 -20.78 -2.67
CA ALA E 10 16.92 -21.66 -1.60
C ALA E 10 18.06 -22.56 -1.12
N ARG E 11 19.05 -22.79 -1.98
CA ARG E 11 20.22 -23.57 -1.59
C ARG E 11 21.31 -22.65 -0.98
N GLY E 12 20.88 -21.43 -0.68
CA GLY E 12 21.66 -20.43 0.04
C GLY E 12 22.91 -20.01 -0.70
N ALA E 13 22.82 -19.98 -2.02
CA ALA E 13 23.99 -19.81 -2.87
C ALA E 13 23.93 -18.55 -3.73
N VAL E 14 22.94 -17.70 -3.51
CA VAL E 14 22.87 -16.48 -4.31
C VAL E 14 22.85 -15.28 -3.40
N THR E 15 23.72 -14.33 -3.71
CA THR E 15 23.80 -13.07 -2.99
C THR E 15 22.61 -12.17 -3.25
N ALA E 16 22.62 -11.06 -2.52
CA ALA E 16 21.61 -10.06 -2.69
C ALA E 16 21.70 -9.42 -4.07
N VAL E 17 20.55 -8.99 -4.55
CA VAL E 17 20.42 -8.18 -5.74
C VAL E 17 21.27 -6.91 -5.59
N LYS E 18 21.99 -6.53 -6.65
CA LYS E 18 22.82 -5.32 -6.62
C LYS E 18 22.26 -4.18 -7.52
N ASP E 19 22.97 -3.04 -7.57
CA ASP E 19 22.59 -1.91 -8.44
C ASP E 19 23.74 -1.39 -9.31
N GLN E 20 23.59 -1.52 -10.64
CA GLN E 20 24.60 -1.08 -11.60
C GLN E 20 24.50 0.44 -11.83
N GLY E 21 23.32 1.00 -11.54
CA GLY E 21 23.14 2.44 -11.64
C GLY E 21 23.29 3.03 -13.03
N GLN E 22 24.00 4.15 -13.08
CA GLN E 22 24.29 4.89 -14.30
C GLN E 22 25.42 4.21 -15.06
N CYS E 23 25.10 3.16 -15.82
CA CYS E 23 26.17 2.41 -16.44
C CYS E 23 25.60 1.44 -17.47
N GLY E 24 26.32 1.28 -18.57
CA GLY E 24 25.95 0.31 -19.59
C GLY E 24 26.48 -1.06 -19.19
N SER E 25 26.66 -1.25 -17.88
CA SER E 25 27.28 -2.46 -17.35
C SER E 25 26.21 -3.53 -17.16
N SER E 26 25.29 -3.56 -18.12
CA SER E 26 24.29 -4.59 -18.25
C SER E 26 25.01 -5.95 -18.32
N TRP E 27 25.91 -6.22 -17.38
CA TRP E 27 26.81 -7.39 -17.41
C TRP E 27 27.78 -7.19 -16.23
N ALA E 28 28.83 -8.03 -16.18
CA ALA E 28 29.87 -7.94 -15.14
C ALA E 28 29.33 -8.30 -13.77
N PHE E 29 28.20 -7.69 -13.41
CA PHE E 29 27.44 -8.17 -12.27
C PHE E 29 27.03 -9.57 -12.72
N SER E 30 26.66 -9.66 -13.99
CA SER E 30 26.23 -10.91 -14.59
C SER E 30 27.39 -11.90 -14.47
N ALA E 31 28.59 -11.44 -14.81
CA ALA E 31 29.78 -12.28 -14.66
C ALA E 31 30.09 -12.58 -13.19
N ILE E 32 30.18 -11.52 -12.39
CA ILE E 32 30.60 -11.63 -10.99
C ILE E 32 29.64 -12.50 -10.19
N GLY E 33 28.35 -12.21 -10.34
CA GLY E 33 27.29 -13.01 -9.76
C GLY E 33 27.50 -14.47 -10.04
N ASN E 34 27.73 -14.80 -11.31
CA ASN E 34 27.97 -16.18 -11.70
C ASN E 34 29.14 -16.78 -10.92
N VAL E 35 30.17 -16.00 -10.68
CA VAL E 35 31.34 -16.49 -9.93
C VAL E 35 31.07 -16.69 -8.42
N GLU E 36 30.44 -15.68 -7.81
CA GLU E 36 29.98 -15.70 -6.41
C GLU E 36 29.34 -17.05 -6.11
N CYS E 37 28.42 -17.43 -6.99
CA CYS E 37 27.66 -18.65 -6.83
C CYS E 37 28.53 -19.86 -7.03
N GLN E 38 29.37 -19.83 -8.06
CA GLN E 38 30.29 -20.91 -8.33
C GLN E 38 31.29 -21.09 -7.18
N TRP E 39 31.68 -19.97 -6.56
CA TRP E 39 32.62 -20.01 -5.44
C TRP E 39 32.04 -20.75 -4.23
N PHE E 40 30.78 -20.44 -3.91
CA PHE E 40 30.07 -21.06 -2.79
C PHE E 40 29.92 -22.56 -3.09
N LEU E 41 29.52 -22.86 -4.33
CA LEU E 41 29.29 -24.22 -4.80
C LEU E 41 30.59 -25.04 -4.83
N ALA E 42 31.71 -24.36 -4.66
CA ALA E 42 32.97 -25.07 -4.51
C ALA E 42 33.12 -25.67 -3.10
N GLY E 43 32.57 -24.99 -2.10
CA GLY E 43 32.60 -25.46 -0.72
C GLY E 43 32.89 -24.35 0.27
N HIS E 44 32.91 -23.13 -0.26
CA HIS E 44 33.37 -21.97 0.52
C HIS E 44 32.20 -21.07 0.95
N PRO E 45 32.44 -20.17 1.91
CA PRO E 45 31.46 -19.17 2.35
C PRO E 45 31.01 -18.19 1.24
N LEU E 46 29.72 -17.87 1.22
CA LEU E 46 29.12 -16.97 0.20
C LEU E 46 29.67 -15.57 0.28
N THR E 47 30.52 -15.24 -0.69
CA THR E 47 31.19 -13.95 -0.71
C THR E 47 30.63 -13.06 -1.80
N ASN E 48 30.37 -11.81 -1.45
CA ASN E 48 30.05 -10.79 -2.44
C ASN E 48 31.35 -10.46 -3.15
N LEU E 49 31.42 -10.67 -4.45
CA LEU E 49 32.65 -10.28 -5.15
C LEU E 49 32.53 -8.91 -5.83
N SER E 50 33.65 -8.45 -6.39
CA SER E 50 33.74 -7.06 -6.84
C SER E 50 33.52 -6.88 -8.33
N GLU E 51 32.44 -6.16 -8.66
CA GLU E 51 32.19 -5.71 -10.02
C GLU E 51 33.20 -4.63 -10.40
N GLN E 52 33.67 -3.88 -9.40
CA GLN E 52 34.64 -2.82 -9.67
C GLN E 52 35.95 -3.45 -10.19
N MET E 53 36.29 -4.63 -9.67
CA MET E 53 37.49 -5.35 -10.11
C MET E 53 37.49 -5.51 -11.66
N LEU E 54 36.33 -5.69 -12.27
CA LEU E 54 36.28 -5.84 -13.72
C LEU E 54 36.23 -4.51 -14.52
N VAL E 55 35.39 -3.57 -14.08
CA VAL E 55 35.26 -2.31 -14.83
C VAL E 55 36.62 -1.59 -14.86
N SER E 56 37.36 -1.71 -13.76
CA SER E 56 38.68 -1.08 -13.64
C SER E 56 39.84 -1.87 -14.26
N CYS E 57 39.95 -3.16 -13.92
CA CYS E 57 41.19 -3.91 -14.17
C CYS E 57 41.13 -4.85 -15.38
N ASP E 58 39.94 -5.31 -15.74
CA ASP E 58 39.76 -6.13 -16.93
C ASP E 58 39.97 -5.21 -18.13
N LYS E 59 41.15 -5.36 -18.73
CA LYS E 59 41.58 -4.49 -19.81
C LYS E 59 41.03 -4.97 -21.17
N THR E 60 40.81 -6.28 -21.28
CA THR E 60 40.16 -6.91 -22.45
C THR E 60 38.76 -6.34 -22.74
N ASP E 61 37.97 -6.17 -21.69
CA ASP E 61 36.66 -5.58 -21.85
C ASP E 61 36.83 -4.09 -21.62
N SER E 62 35.94 -3.31 -22.22
CA SER E 62 36.02 -1.87 -22.10
C SER E 62 35.00 -1.52 -21.03
N GLY E 63 35.46 -1.63 -19.77
CA GLY E 63 34.60 -1.50 -18.60
C GLY E 63 33.68 -0.29 -18.59
N CYS E 64 32.39 -0.57 -18.41
CA CYS E 64 31.29 0.41 -18.50
C CYS E 64 30.93 0.73 -19.96
N SER E 65 29.68 1.12 -20.20
CA SER E 65 29.10 1.43 -21.52
C SER E 65 28.85 0.18 -22.40
N GLY E 66 29.08 -1.01 -21.83
CA GLY E 66 28.81 -2.27 -22.49
C GLY E 66 29.94 -3.28 -22.42
N GLY E 67 29.60 -4.57 -22.57
CA GLY E 67 30.59 -5.62 -22.53
C GLY E 67 30.04 -7.01 -22.80
N LEU E 68 30.91 -8.03 -22.65
CA LEU E 68 30.52 -9.44 -22.74
C LEU E 68 31.21 -10.28 -21.65
N MET E 69 30.37 -11.09 -20.98
CA MET E 69 30.72 -11.82 -19.76
C MET E 69 31.95 -12.71 -19.93
N ASN E 70 32.02 -13.36 -21.10
CA ASN E 70 33.09 -14.31 -21.41
C ASN E 70 34.45 -13.62 -21.42
N ASN E 71 34.45 -12.34 -21.77
CA ASN E 71 35.67 -11.56 -21.78
C ASN E 71 36.16 -11.31 -20.36
N ALA E 72 35.20 -10.99 -19.49
CA ALA E 72 35.49 -10.83 -18.08
C ALA E 72 36.10 -12.12 -17.50
N PHE E 73 35.47 -13.25 -17.85
CA PHE E 73 35.94 -14.57 -17.43
C PHE E 73 37.38 -14.82 -17.91
N GLU E 74 37.71 -14.33 -19.10
CA GLU E 74 39.04 -14.55 -19.66
C GLU E 74 40.09 -13.68 -18.95
N TRP E 75 39.71 -12.45 -18.61
CA TRP E 75 40.64 -11.58 -17.93
C TRP E 75 41.08 -12.18 -16.60
N ILE E 76 40.11 -12.52 -15.76
CA ILE E 76 40.38 -13.01 -14.42
C ILE E 76 41.35 -14.20 -14.39
N VAL E 77 41.16 -15.14 -15.33
CA VAL E 77 41.90 -16.39 -15.26
C VAL E 77 43.40 -16.26 -15.56
N GLN E 78 43.75 -15.59 -16.66
CA GLN E 78 45.17 -15.51 -17.04
C GLN E 78 45.82 -14.12 -16.83
N GLU E 79 45.02 -13.06 -16.93
CA GLU E 79 45.52 -11.70 -16.72
C GLU E 79 45.49 -11.36 -15.22
N ASN E 80 44.54 -11.94 -14.50
CA ASN E 80 44.46 -11.76 -13.04
C ASN E 80 44.84 -12.98 -12.15
N ASN E 81 45.53 -13.97 -12.72
CA ASN E 81 45.92 -15.18 -11.98
C ASN E 81 44.75 -15.93 -11.31
N GLY E 82 43.53 -15.71 -11.83
CA GLY E 82 42.33 -16.40 -11.38
C GLY E 82 41.56 -15.69 -10.28
N ALA E 83 42.17 -14.65 -9.73
CA ALA E 83 41.63 -13.98 -8.55
C ALA E 83 40.45 -13.03 -8.84
N VAL E 84 39.43 -13.10 -7.98
CA VAL E 84 38.38 -12.08 -7.96
C VAL E 84 38.32 -11.39 -6.57
N TYR E 85 38.38 -10.05 -6.54
CA TYR E 85 38.38 -9.32 -5.26
C TYR E 85 36.98 -9.25 -4.65
N THR E 86 36.94 -9.12 -3.32
CA THR E 86 35.67 -9.01 -2.60
C THR E 86 35.06 -7.62 -2.81
N GLU E 87 33.78 -7.47 -2.49
CA GLU E 87 33.13 -6.18 -2.64
C GLU E 87 33.56 -5.24 -1.49
N ASP E 88 33.81 -5.78 -0.29
CA ASP E 88 34.28 -4.95 0.85
C ASP E 88 35.70 -4.35 0.67
N SER E 89 36.58 -5.06 -0.04
CA SER E 89 37.95 -4.57 -0.24
C SER E 89 38.06 -3.83 -1.59
N TYR E 90 37.04 -3.98 -2.42
CA TYR E 90 36.99 -3.27 -3.70
C TYR E 90 35.55 -2.89 -4.05
N PRO E 91 35.04 -1.85 -3.40
CA PRO E 91 33.62 -1.47 -3.58
C PRO E 91 33.31 -0.80 -4.92
N TYR E 92 32.04 -0.88 -5.30
CA TYR E 92 31.56 -0.30 -6.55
C TYR E 92 31.54 1.23 -6.48
N ALA E 93 32.15 1.87 -7.48
CA ALA E 93 32.26 3.33 -7.50
C ALA E 93 31.59 3.90 -8.78
N SER E 94 31.50 3.06 -9.81
CA SER E 94 30.99 3.46 -11.13
C SER E 94 29.47 3.72 -11.15
N GLY E 95 28.90 4.03 -9.98
CA GLY E 95 27.48 4.27 -9.85
C GLY E 95 26.92 5.38 -10.72
N GLU E 96 27.73 6.41 -10.95
CA GLU E 96 27.26 7.61 -11.66
C GLU E 96 27.57 7.69 -13.15
N GLY E 97 28.41 6.78 -13.65
CA GLY E 97 28.83 6.79 -15.05
C GLY E 97 30.34 6.95 -15.10
N ILE E 98 30.89 7.34 -13.95
CA ILE E 98 32.33 7.61 -13.73
C ILE E 98 33.17 6.35 -13.53
N SER E 99 34.16 6.15 -14.40
CA SER E 99 34.98 4.92 -14.34
C SER E 99 36.39 5.11 -13.73
N PRO E 100 36.56 4.71 -12.45
CA PRO E 100 37.78 4.70 -11.61
C PRO E 100 38.98 4.00 -12.23
N PRO E 101 40.17 4.14 -11.60
CA PRO E 101 41.36 3.42 -12.07
C PRO E 101 41.49 2.09 -11.36
N CYS E 102 42.42 1.27 -11.83
CA CYS E 102 42.77 0.05 -11.13
C CYS E 102 43.41 0.50 -9.82
N THR E 103 43.40 -0.39 -8.84
CA THR E 103 44.03 -0.13 -7.55
C THR E 103 44.76 -1.39 -7.06
N THR E 104 45.56 -1.24 -6.01
CA THR E 104 46.11 -2.38 -5.28
C THR E 104 46.00 -2.03 -3.80
N SER E 105 44.98 -1.22 -3.49
CA SER E 105 44.74 -0.69 -2.14
C SER E 105 44.24 -1.76 -1.17
N GLY E 106 45.06 -2.80 -0.97
CA GLY E 106 44.80 -3.87 -0.03
C GLY E 106 43.49 -4.57 -0.34
N HIS E 107 43.40 -5.11 -1.55
CA HIS E 107 42.23 -5.89 -1.96
C HIS E 107 42.40 -7.33 -1.48
N THR E 108 41.26 -8.01 -1.32
CA THR E 108 41.23 -9.39 -0.86
C THR E 108 40.86 -10.40 -1.95
N VAL E 109 41.56 -11.54 -1.96
CA VAL E 109 41.19 -12.59 -2.89
C VAL E 109 39.93 -13.26 -2.30
N GLY E 110 38.78 -12.90 -2.87
CA GLY E 110 37.50 -13.46 -2.47
C GLY E 110 37.18 -14.80 -3.11
N ALA E 111 37.67 -15.01 -4.33
CA ALA E 111 37.42 -16.24 -5.10
C ALA E 111 38.45 -16.41 -6.22
N THR E 112 38.71 -17.66 -6.62
CA THR E 112 39.68 -17.89 -7.70
C THR E 112 39.19 -18.84 -8.79
N ILE E 113 38.96 -18.32 -9.99
CA ILE E 113 38.51 -19.17 -11.10
C ILE E 113 39.68 -19.78 -11.91
N THR E 114 39.39 -20.80 -12.71
CA THR E 114 40.43 -21.55 -13.44
C THR E 114 40.17 -21.66 -14.94
N GLY E 115 39.03 -21.14 -15.38
CA GLY E 115 38.66 -21.14 -16.79
C GLY E 115 37.21 -20.66 -16.90
N HIS E 116 36.55 -20.99 -18.01
CA HIS E 116 35.10 -20.78 -18.09
C HIS E 116 34.55 -21.65 -19.24
N VAL E 117 33.23 -21.89 -19.25
CA VAL E 117 32.60 -22.65 -20.34
C VAL E 117 31.36 -21.97 -20.93
N GLU E 118 31.11 -22.25 -22.21
CA GLU E 118 29.90 -21.80 -22.91
C GLU E 118 28.87 -22.92 -23.00
N LEU E 119 27.60 -22.53 -22.95
CA LEU E 119 26.53 -23.50 -23.13
C LEU E 119 25.83 -23.35 -24.51
N PRO E 120 25.28 -24.46 -25.02
CA PRO E 120 24.46 -24.58 -26.23
C PRO E 120 23.35 -23.55 -26.32
N GLN E 121 22.73 -23.43 -27.48
CA GLN E 121 21.58 -22.55 -27.65
C GLN E 121 20.28 -23.33 -27.42
N ASP E 122 20.24 -24.11 -26.34
CA ASP E 122 19.11 -24.99 -26.06
C ASP E 122 18.65 -24.72 -24.62
N GLU E 123 17.41 -24.24 -24.47
CA GLU E 123 16.87 -23.93 -23.14
C GLU E 123 16.96 -25.18 -22.26
N ALA E 124 16.72 -26.34 -22.87
CA ALA E 124 16.70 -27.60 -22.15
C ALA E 124 18.06 -28.00 -21.61
N GLN E 125 19.09 -27.84 -22.44
CA GLN E 125 20.46 -28.21 -22.09
C GLN E 125 21.07 -27.26 -21.06
N ILE E 126 20.71 -25.99 -21.16
CA ILE E 126 21.07 -25.04 -20.13
C ILE E 126 20.51 -25.49 -18.78
N ALA E 127 19.22 -25.78 -18.75
CA ALA E 127 18.56 -26.29 -17.55
C ALA E 127 19.23 -27.55 -17.01
N ALA E 128 19.53 -28.50 -17.90
CA ALA E 128 20.25 -29.69 -17.49
C ALA E 128 21.50 -29.30 -16.75
N TRP E 129 22.22 -28.31 -17.29
CA TRP E 129 23.44 -27.79 -16.66
C TRP E 129 23.18 -27.00 -15.39
N LEU E 130 22.26 -26.04 -15.43
CA LEU E 130 22.03 -25.17 -14.27
C LEU E 130 21.66 -25.97 -13.03
N ALA E 131 20.85 -26.99 -13.22
CA ALA E 131 20.39 -27.83 -12.12
C ALA E 131 21.50 -28.63 -11.47
N VAL E 132 22.53 -28.99 -12.23
CA VAL E 132 23.69 -29.70 -11.66
C VAL E 132 24.77 -28.76 -11.09
N ASN E 133 25.08 -27.71 -11.84
CA ASN E 133 26.26 -26.91 -11.56
C ASN E 133 26.07 -25.49 -11.13
N GLY E 134 24.85 -25.00 -11.17
CA GLY E 134 24.60 -23.71 -10.54
C GLY E 134 24.34 -22.61 -11.54
N PRO E 135 23.94 -21.44 -11.05
CA PRO E 135 23.50 -20.29 -11.83
C PRO E 135 24.41 -20.00 -13.00
N VAL E 136 23.79 -19.63 -14.11
CA VAL E 136 24.45 -19.42 -15.39
C VAL E 136 24.36 -17.95 -15.79
N ALA E 137 25.44 -17.40 -16.34
CA ALA E 137 25.35 -16.04 -16.86
C ALA E 137 24.76 -16.13 -18.25
N VAL E 138 23.69 -15.35 -18.49
CA VAL E 138 23.05 -15.35 -19.81
C VAL E 138 22.76 -13.94 -20.27
N ALA E 139 22.73 -13.73 -21.58
CA ALA E 139 22.41 -12.42 -22.10
C ALA E 139 21.02 -12.40 -22.74
N VAL E 140 20.31 -11.29 -22.58
CA VAL E 140 18.93 -11.17 -23.07
C VAL E 140 18.62 -9.79 -23.67
N ASP E 141 17.44 -9.73 -24.32
CA ASP E 141 16.96 -8.51 -24.95
C ASP E 141 15.98 -7.86 -24.00
N ALA E 142 16.49 -6.95 -23.19
CA ALA E 142 15.72 -6.27 -22.16
C ALA E 142 15.00 -5.04 -22.68
N SER E 143 14.41 -5.13 -23.86
CA SER E 143 13.58 -4.05 -24.36
C SER E 143 12.31 -3.95 -23.53
N SER E 144 11.67 -5.09 -23.27
CA SER E 144 10.38 -5.09 -22.55
C SER E 144 10.54 -5.18 -21.02
N TRP E 145 11.75 -4.92 -20.54
CA TRP E 145 12.06 -5.11 -19.12
C TRP E 145 11.84 -3.87 -18.28
N MET E 146 11.85 -2.72 -18.93
CA MET E 146 11.58 -1.46 -18.25
C MET E 146 10.11 -1.41 -17.85
N THR E 147 9.26 -2.00 -18.69
CA THR E 147 7.82 -1.98 -18.53
C THR E 147 7.32 -2.92 -17.41
N TYR E 148 8.25 -3.67 -16.82
CA TYR E 148 7.94 -4.83 -15.97
C TYR E 148 7.54 -4.60 -14.50
N THR E 149 6.40 -5.17 -14.08
CA THR E 149 5.99 -5.08 -12.67
C THR E 149 6.10 -6.43 -11.95
N GLY E 150 5.82 -7.51 -12.68
CA GLY E 150 5.87 -8.84 -12.10
C GLY E 150 5.00 -9.84 -12.82
N GLY E 151 5.19 -11.12 -12.47
CA GLY E 151 4.50 -12.23 -13.10
C GLY E 151 5.37 -12.90 -14.15
N VAL E 152 4.89 -14.00 -14.73
CA VAL E 152 5.62 -14.67 -15.80
C VAL E 152 5.33 -14.02 -17.14
N MET E 153 6.38 -13.38 -17.64
CA MET E 153 6.38 -12.65 -18.88
C MET E 153 6.25 -13.72 -19.93
N THR E 154 5.39 -13.49 -20.90
CA THR E 154 5.02 -14.52 -21.84
C THR E 154 5.26 -14.08 -23.28
N SER E 155 5.42 -12.76 -23.44
CA SER E 155 5.66 -12.17 -24.76
C SER E 155 6.80 -11.15 -24.78
N CYS E 156 8.05 -11.60 -24.61
CA CYS E 156 9.20 -10.69 -24.55
C CYS E 156 9.77 -10.26 -25.91
N VAL E 157 10.12 -8.97 -26.03
CA VAL E 157 10.84 -8.45 -27.20
C VAL E 157 12.18 -9.18 -27.32
N SER E 158 12.31 -9.97 -28.38
CA SER E 158 13.42 -10.91 -28.56
C SER E 158 14.21 -10.68 -29.84
N GLU E 159 14.90 -9.55 -29.95
CA GLU E 159 15.66 -9.21 -31.18
C GLU E 159 17.14 -8.79 -30.98
N GLN E 160 17.45 -8.12 -29.89
CA GLN E 160 18.82 -7.59 -29.73
C GLN E 160 19.41 -7.78 -28.31
N LEU E 161 20.58 -8.39 -28.24
CA LEU E 161 21.27 -8.58 -26.97
C LEU E 161 21.86 -7.25 -26.43
N ASP E 162 21.22 -6.70 -25.39
CA ASP E 162 21.68 -5.46 -24.77
C ASP E 162 21.97 -5.63 -23.28
N HIS E 163 21.43 -6.70 -22.71
CA HIS E 163 21.45 -6.88 -21.26
C HIS E 163 21.95 -8.24 -20.80
N GLY E 164 22.79 -8.21 -19.77
CA GLY E 164 23.39 -9.40 -19.16
C GLY E 164 22.86 -9.67 -17.76
N VAL E 165 22.35 -10.88 -17.57
CA VAL E 165 21.65 -11.25 -16.36
C VAL E 165 22.13 -12.64 -15.88
N LEU E 166 21.46 -13.17 -14.85
CA LEU E 166 21.88 -14.44 -14.24
C LEU E 166 20.69 -15.37 -14.01
N LEU E 167 20.73 -16.55 -14.64
CA LEU E 167 19.73 -17.57 -14.39
C LEU E 167 20.05 -18.14 -13.03
N VAL E 168 19.08 -18.12 -12.11
CA VAL E 168 19.33 -18.66 -10.78
C VAL E 168 18.49 -19.86 -10.49
N GLY E 169 17.58 -20.14 -11.42
CA GLY E 169 16.79 -21.36 -11.38
C GLY E 169 15.58 -21.32 -12.30
N TYR E 170 14.94 -22.47 -12.44
CA TYR E 170 13.81 -22.58 -13.33
C TYR E 170 12.70 -23.37 -12.66
N ASN E 171 11.60 -23.53 -13.38
CA ASN E 171 10.47 -24.31 -12.91
C ASN E 171 9.66 -24.91 -14.07
N ASP E 172 9.83 -26.20 -14.30
CA ASP E 172 9.11 -26.87 -15.39
C ASP E 172 7.70 -27.30 -14.96
N SER E 173 7.44 -27.26 -13.65
CA SER E 173 6.17 -27.75 -13.09
C SER E 173 4.97 -26.80 -13.18
N ALA E 174 5.23 -25.50 -13.10
CA ALA E 174 4.16 -24.51 -13.18
C ALA E 174 3.38 -24.67 -14.49
N ALA E 175 2.16 -24.13 -14.51
CA ALA E 175 1.30 -24.18 -15.68
C ALA E 175 2.06 -23.60 -16.87
N VAL E 176 2.70 -22.45 -16.62
CA VAL E 176 3.65 -21.87 -17.57
C VAL E 176 5.05 -22.01 -17.01
N PRO E 177 5.84 -22.95 -17.57
CA PRO E 177 7.23 -23.15 -17.16
C PRO E 177 8.01 -21.84 -17.31
N TYR E 178 8.91 -21.57 -16.36
CA TYR E 178 9.61 -20.30 -16.34
C TYR E 178 11.03 -20.38 -15.78
N TRP E 179 11.87 -19.44 -16.23
CA TRP E 179 13.20 -19.22 -15.65
C TRP E 179 13.10 -18.14 -14.58
N ILE E 180 13.93 -18.25 -13.55
CA ILE E 180 14.04 -17.18 -12.58
C ILE E 180 15.36 -16.46 -12.84
N ILE E 181 15.26 -15.15 -13.08
CA ILE E 181 16.42 -14.35 -13.47
C ILE E 181 16.71 -13.17 -12.51
N LYS E 182 17.95 -13.12 -12.02
CA LYS E 182 18.42 -12.01 -11.18
C LYS E 182 18.92 -10.85 -12.04
N ASN E 183 18.34 -9.67 -11.81
CA ASN E 183 18.70 -8.49 -12.59
C ASN E 183 19.40 -7.46 -11.69
N SER E 184 20.28 -6.62 -12.27
CA SER E 184 21.07 -5.70 -11.45
C SER E 184 20.44 -4.30 -11.42
N TRP E 185 19.12 -4.24 -11.25
CA TRP E 185 18.42 -2.97 -11.19
C TRP E 185 17.73 -2.78 -9.84
N THR E 186 18.50 -2.96 -8.76
CA THR E 186 17.97 -2.89 -7.39
C THR E 186 16.82 -3.86 -7.10
N THR E 187 16.24 -3.72 -5.91
CA THR E 187 15.22 -4.64 -5.45
C THR E 187 13.83 -4.03 -5.67
N GLN E 188 13.80 -2.78 -6.14
CA GLN E 188 12.54 -2.12 -6.48
C GLN E 188 11.96 -2.70 -7.76
N TRP E 189 12.85 -3.00 -8.69
CA TRP E 189 12.48 -3.51 -10.01
C TRP E 189 11.94 -4.96 -9.97
N GLY E 190 10.79 -5.17 -10.63
CA GLY E 190 10.22 -6.50 -10.77
C GLY E 190 9.88 -7.23 -9.47
N GLU E 191 10.09 -8.55 -9.48
CA GLU E 191 9.80 -9.38 -8.30
C GLU E 191 11.04 -9.45 -7.39
N GLU E 192 11.23 -8.44 -6.55
CA GLU E 192 12.36 -8.38 -5.62
C GLU E 192 13.73 -8.32 -6.28
N GLY E 193 13.80 -7.67 -7.45
CA GLY E 193 15.07 -7.58 -8.17
C GLY E 193 15.11 -8.65 -9.27
N TYR E 194 14.22 -9.63 -9.16
CA TYR E 194 14.19 -10.78 -10.06
C TYR E 194 13.11 -10.70 -11.13
N ILE E 195 13.09 -11.68 -12.04
CA ILE E 195 12.10 -11.68 -13.11
C ILE E 195 11.90 -13.09 -13.67
N ARG E 196 10.63 -13.43 -13.92
CA ARG E 196 10.31 -14.74 -14.47
C ARG E 196 9.89 -14.61 -15.92
N ILE E 197 10.62 -15.29 -16.81
CA ILE E 197 10.30 -15.31 -18.23
C ILE E 197 10.04 -16.75 -18.64
N ALA E 198 9.14 -16.93 -19.59
CA ALA E 198 8.69 -18.26 -19.93
C ALA E 198 9.82 -19.12 -20.50
N LYS E 199 9.97 -20.32 -19.96
CA LYS E 199 11.01 -21.24 -20.38
C LYS E 199 10.41 -22.17 -21.42
N GLY E 200 11.15 -22.36 -22.51
CA GLY E 200 10.75 -23.29 -23.55
C GLY E 200 10.55 -22.66 -24.91
N SER E 201 10.29 -21.36 -24.94
CA SER E 201 9.96 -20.66 -26.18
C SER E 201 11.01 -19.58 -26.56
N ASN E 202 12.21 -19.73 -26.02
CA ASN E 202 13.32 -18.81 -26.28
C ASN E 202 12.93 -17.37 -26.04
N GLN E 203 12.32 -17.10 -24.90
CA GLN E 203 11.98 -15.72 -24.55
C GLN E 203 13.25 -14.87 -24.50
N CYS E 204 13.11 -13.59 -24.84
CA CYS E 204 14.19 -12.59 -24.70
C CYS E 204 15.56 -13.02 -25.25
N LEU E 205 15.54 -14.01 -26.14
CA LEU E 205 16.77 -14.54 -26.70
C LEU E 205 17.67 -15.09 -25.62
N VAL E 206 17.08 -15.73 -24.63
CA VAL E 206 17.85 -16.13 -23.45
C VAL E 206 18.92 -17.19 -23.78
N LYS E 207 18.57 -18.10 -24.70
CA LYS E 207 19.41 -19.24 -25.04
C LYS E 207 20.64 -18.91 -25.91
N GLU E 208 20.78 -17.63 -26.27
CA GLU E 208 21.81 -17.21 -27.22
C GLU E 208 23.25 -17.23 -26.68
N GLU E 209 23.44 -16.66 -25.50
CA GLU E 209 24.77 -16.45 -24.94
C GLU E 209 24.93 -16.93 -23.50
N ALA E 210 24.94 -18.25 -23.35
CA ALA E 210 25.02 -18.84 -22.03
C ALA E 210 26.45 -19.23 -21.72
N SER E 211 26.92 -18.85 -20.54
CA SER E 211 28.25 -19.26 -20.09
C SER E 211 28.38 -19.25 -18.58
N SER E 212 29.38 -19.99 -18.08
CA SER E 212 29.64 -20.02 -16.64
C SER E 212 31.14 -20.17 -16.33
N ALA E 213 31.62 -19.42 -15.34
CA ALA E 213 33.02 -19.54 -14.96
C ALA E 213 33.27 -20.89 -14.29
N VAL E 214 34.52 -21.27 -14.11
CA VAL E 214 34.83 -22.52 -13.42
C VAL E 214 35.88 -22.40 -12.31
N VAL E 215 35.50 -22.77 -11.08
CA VAL E 215 36.45 -22.83 -9.96
C VAL E 215 37.14 -24.19 -9.87
N GLY E 216 38.40 -24.20 -9.45
CA GLY E 216 39.11 -25.43 -9.19
C GLY E 216 39.39 -26.23 -10.46
#